data_5IFT
#
_entry.id   5IFT
#
_cell.length_a   87.134
_cell.length_b   111.641
_cell.length_c   125.800
_cell.angle_alpha   90.00
_cell.angle_beta   90.00
_cell.angle_gamma   90.00
#
_symmetry.space_group_name_H-M   'P 21 21 21'
#
loop_
_entity.id
_entity.type
_entity.pdbx_description
1 polymer 'Probable beta-galactosidase A'
2 branched alpha-D-mannopyranose-(1-2)-alpha-D-mannopyranose-(1-3)-beta-D-mannopyranose-(1-4)-2-acetamido-2-deoxy-beta-D-glucopyranose-(1-4)-2-acetamido-2-deoxy-beta-D-glucopyranose
3 branched alpha-D-mannopyranose-(1-2)-alpha-D-mannopyranose-(1-2)-alpha-D-mannopyranose-(1-3)-[alpha-D-mannopyranose-(1-3)-alpha-D-mannopyranose-(1-6)]beta-D-mannopyranose-(1-4)-2-acetamido-2-deoxy-beta-D-glucopyranose-(1-4)-2-acetamido-2-deoxy-beta-D-glucopyranose
4 branched alpha-D-mannopyranose-(1-2)-alpha-D-mannopyranose-(1-2)-alpha-D-mannopyranose-(1-3)-beta-D-mannopyranose-(1-4)-2-acetamido-2-deoxy-beta-D-glucopyranose-(1-4)-2-acetamido-2-deoxy-beta-D-glucopyranose
5 branched beta-D-galactopyranose-(1-3)-alpha-D-glucopyranose
6 non-polymer 2-acetamido-2-deoxy-beta-D-glucopyranose
7 non-polymer 'SULFATE ION'
8 non-polymer 'CHLORIDE ION'
9 non-polymer 'DIMETHYL SULFOXIDE'
10 water water
#
_entity_poly.entity_id   1
_entity_poly.type   'polypeptide(L)'
_entity_poly.pdbx_seq_one_letter_code
;MKLSSACAIALLAAQAAGASIKHRINGFTLTEHSDPAKRELLQKYVTWDDKSLFINGERIMIFSGEFHPFRLPVKELQLD
IFQKVKALGFNCVSFYVDWALVEGKPGEYRADGIFDLEPFFDAASEAGIYLLARPGPYINAESSGGGFPGWLQRVNGTLR
SSDKAYLDATDNYVSHVAATIAKYQITNGGPIILYQPENEYTSGCCGVEFPDPVYMQYVEDQARNAGVVIPLINNDASAS
GNNAPGTGKGAVDIYGHDSYPLGFDCANPTVWPSGDLPTNFRTLHLEQSPTTPYAIVQFQGGSYDPWGGPGFAACSELLN
NEFERVFYKNDFSFQIAIMNLYMIFGGTNWGNLGYPNGYTSYDYGSAVTESRNITREKYSELKLLGNFAKVSPGYLTASP
GNLTTSGYADTTDLTVTPLLGNSTGSFFVVRHSDYSSEESTSYKLRLPTSAGSVTIPQLGGTLTLNGRDSKIHVTDYNVS
GTNIIYSTAEVFTWKKFADGKVLVLYGGAGEHHELAISTKSNVTVIEGSESGISSKQTSSSVVVGWDVSTTRRIIQVGDL
KILLLDRNSAYNYWVPQLATDGTSPGFSTPEKVASSIIVKAGYLVRTAYLKGSGLYLTADFNATTSVEVIGVPSTAKNLF
INGDKTSHTVDKNGIWSATVDYNAPDISLPSLKDLDWKYVDTLPEIQSSYDDSLWPAADLKQTKNTLRSLTTPTSLYSSD
YGFHTGYLLYRGHFTATGNESTFAIDTQGGSAFGSSVWLNGTYLGSWTGLYANSDYNATYNLPQLQAGKTYVITVVIDNM
GLEENWTVGEDLMKTPRGILNFLLAGRPSSAISWKLTGNLGGEDYEDKVRGPLNEGGLYAERQGFHQPEPPSQNWKSSSP
LEGLSEAGIGFYSASFDLDLPKGWDVPLFLNIGNSTTPSPYRVQVYVNGYQYAKYISNIGPQTSFPVPEGILNYRGTNWL
AVTLWALDSAGGKLESLELSYTTPVLTALGEVESVDQPKYKKRKGAYHHHHHH
;
_entity_poly.pdbx_strand_id   A
#
# COMPACT_ATOMS: atom_id res chain seq x y z
N LEU A 41 15.86 -3.11 26.66
CA LEU A 41 15.57 -4.40 27.37
C LEU A 41 16.47 -5.57 26.93
N LEU A 42 16.50 -5.90 25.63
CA LEU A 42 17.46 -6.89 25.09
C LEU A 42 18.60 -6.27 24.27
N GLN A 43 18.56 -4.95 24.10
CA GLN A 43 19.54 -4.22 23.32
C GLN A 43 19.36 -2.75 23.62
N LYS A 44 20.35 -1.94 23.25
CA LYS A 44 20.36 -0.50 23.59
C LYS A 44 20.22 0.45 22.39
N TYR A 45 20.01 -0.12 21.20
CA TYR A 45 19.87 0.70 19.99
C TYR A 45 18.50 1.38 19.92
N VAL A 46 17.45 0.65 20.29
CA VAL A 46 16.08 1.14 20.26
C VAL A 46 15.52 1.00 21.66
N THR A 47 15.32 2.12 22.36
CA THR A 47 14.72 2.12 23.68
C THR A 47 13.52 3.05 23.66
N TRP A 48 12.88 3.21 24.81
CA TRP A 48 11.74 4.10 24.92
C TRP A 48 11.48 4.56 26.34
N ASP A 49 10.65 5.59 26.44
CA ASP A 49 10.02 5.96 27.70
C ASP A 49 8.54 6.25 27.39
N ASP A 50 7.84 6.88 28.33
CA ASP A 50 6.44 7.22 28.14
C ASP A 50 6.16 8.16 26.94
N LYS A 51 7.15 8.94 26.51
CA LYS A 51 6.96 9.96 25.48
C LYS A 51 7.33 9.52 24.05
N SER A 52 8.43 8.80 23.90
CA SER A 52 8.92 8.43 22.56
C SER A 52 9.96 7.32 22.57
N LEU A 53 10.23 6.78 21.37
CA LEU A 53 11.41 5.97 21.14
C LEU A 53 12.66 6.82 21.25
N PHE A 54 13.76 6.16 21.61
CA PHE A 54 15.11 6.68 21.45
C PHE A 54 15.84 5.75 20.48
N ILE A 55 16.52 6.32 19.49
CA ILE A 55 17.37 5.56 18.58
C ILE A 55 18.77 6.08 18.79
N ASN A 56 19.65 5.20 19.27
CA ASN A 56 21.01 5.55 19.70
C ASN A 56 21.01 6.71 20.71
N GLY A 57 20.19 6.56 21.76
CA GLY A 57 20.05 7.55 22.83
C GLY A 57 19.46 8.91 22.45
N GLU A 58 18.80 9.00 21.29
CA GLU A 58 18.23 10.26 20.82
C GLU A 58 16.76 10.09 20.46
N ARG A 59 15.92 10.98 20.98
CA ARG A 59 14.48 10.93 20.70
C ARG A 59 14.24 11.09 19.22
N ILE A 60 13.23 10.38 18.73
CA ILE A 60 12.78 10.52 17.34
C ILE A 60 11.29 10.27 17.29
N MET A 61 10.61 11.03 16.43
CA MET A 61 9.20 10.80 16.15
C MET A 61 9.19 9.89 14.92
N ILE A 62 8.65 8.68 15.05
CA ILE A 62 8.58 7.72 13.94
C ILE A 62 7.35 8.01 13.09
N PHE A 63 7.57 8.52 11.88
CA PHE A 63 6.51 8.72 10.89
C PHE A 63 6.74 7.74 9.74
N SER A 64 5.81 6.79 9.59
CA SER A 64 6.01 5.61 8.77
C SER A 64 4.90 5.46 7.74
N GLY A 65 5.22 4.74 6.67
CA GLY A 65 4.27 4.43 5.59
C GLY A 65 4.28 2.94 5.29
N GLU A 66 3.10 2.37 5.06
CA GLU A 66 2.99 0.94 4.79
C GLU A 66 3.28 0.66 3.30
N PHE A 67 4.13 -0.34 3.07
CA PHE A 67 4.59 -0.72 1.74
C PHE A 67 4.82 -2.23 1.78
N HIS A 68 4.17 -2.97 0.88
CA HIS A 68 4.28 -4.43 0.86
C HIS A 68 5.14 -4.91 -0.30
N PRO A 69 6.32 -5.49 -0.01
CA PRO A 69 7.27 -5.85 -1.07
C PRO A 69 6.71 -6.81 -2.13
N PHE A 70 5.81 -7.70 -1.71
CA PHE A 70 5.16 -8.64 -2.61
C PHE A 70 4.17 -8.02 -3.63
N ARG A 71 3.75 -6.77 -3.41
CA ARG A 71 2.86 -6.06 -4.32
C ARG A 71 3.63 -5.18 -5.34
N LEU A 72 4.95 -5.14 -5.22
CA LEU A 72 5.83 -4.52 -6.22
C LEU A 72 7.12 -5.34 -6.28
N PRO A 73 7.10 -6.43 -7.04
CA PRO A 73 8.20 -7.38 -7.06
C PRO A 73 9.35 -6.98 -7.99
N VAL A 74 9.71 -5.70 -8.03
CA VAL A 74 10.79 -5.19 -8.88
C VAL A 74 11.68 -4.34 -7.98
N LYS A 75 12.87 -4.84 -7.68
CA LYS A 75 13.71 -4.26 -6.61
C LYS A 75 14.13 -2.80 -6.82
N GLU A 76 14.36 -2.39 -8.06
CA GLU A 76 14.72 -0.98 -8.36
C GLU A 76 13.56 -0.04 -8.06
N LEU A 77 12.35 -0.49 -8.33
CA LEU A 77 11.14 0.26 -8.04
C LEU A 77 10.85 0.27 -6.53
N GLN A 78 11.28 -0.75 -5.81
CA GLN A 78 11.19 -0.73 -4.35
C GLN A 78 12.02 0.44 -3.78
N LEU A 79 13.24 0.63 -4.30
CA LEU A 79 14.06 1.80 -3.93
C LEU A 79 13.36 3.12 -4.30
N ASP A 80 12.71 3.17 -5.46
CA ASP A 80 11.90 4.33 -5.84
C ASP A 80 10.90 4.76 -4.77
N ILE A 81 10.12 3.81 -4.27
CA ILE A 81 9.10 4.10 -3.27
C ILE A 81 9.76 4.62 -2.00
N PHE A 82 10.80 3.92 -1.52
CA PHE A 82 11.51 4.32 -0.30
C PHE A 82 12.01 5.75 -0.40
N GLN A 83 12.51 6.14 -1.56
CA GLN A 83 12.99 7.50 -1.80
C GLN A 83 11.85 8.52 -1.85
N LYS A 84 10.72 8.12 -2.40
CA LYS A 84 9.52 8.96 -2.37
C LYS A 84 9.00 9.13 -0.94
N VAL A 85 9.14 8.10 -0.10
CA VAL A 85 8.75 8.18 1.31
C VAL A 85 9.68 9.08 2.11
N LYS A 86 10.98 8.93 1.89
CA LYS A 86 11.99 9.75 2.57
C LYS A 86 11.78 11.24 2.25
N ALA A 87 11.38 11.53 1.01
CA ALA A 87 11.08 12.90 0.59
C ALA A 87 9.81 13.50 1.22
N LEU A 88 8.93 12.68 1.78
CA LEU A 88 7.86 13.20 2.64
C LEU A 88 8.35 13.71 4.01
N GLY A 89 9.63 13.52 4.34
CA GLY A 89 10.14 13.77 5.68
C GLY A 89 10.01 12.56 6.62
N PHE A 90 9.52 11.43 6.09
CA PHE A 90 9.30 10.22 6.88
C PHE A 90 10.65 9.54 7.15
N ASN A 91 10.68 8.71 8.18
CA ASN A 91 11.88 8.00 8.59
C ASN A 91 11.73 6.49 8.62
N CYS A 92 10.55 5.98 8.26
CA CYS A 92 10.23 4.57 8.50
C CYS A 92 9.23 4.04 7.48
N VAL A 93 9.31 2.75 7.23
CA VAL A 93 8.32 2.01 6.44
C VAL A 93 7.93 0.75 7.21
N SER A 94 6.66 0.40 7.13
CA SER A 94 6.11 -0.80 7.73
C SER A 94 5.74 -1.77 6.62
N PHE A 95 6.04 -3.05 6.79
CA PHE A 95 5.75 -4.07 5.77
C PHE A 95 5.22 -5.37 6.35
N TYR A 96 4.36 -6.04 5.58
CA TYR A 96 3.92 -7.40 5.81
C TYR A 96 4.80 -8.31 4.95
N VAL A 97 4.95 -9.56 5.38
CA VAL A 97 5.40 -10.64 4.53
C VAL A 97 4.20 -11.58 4.35
N ASP A 98 4.01 -12.07 3.13
CA ASP A 98 2.88 -12.93 2.77
C ASP A 98 3.37 -14.37 2.76
N TRP A 99 3.01 -15.08 3.82
CA TRP A 99 3.35 -16.48 4.01
C TRP A 99 2.91 -17.34 2.82
N ALA A 100 1.68 -17.09 2.32
CA ALA A 100 1.12 -17.82 1.17
C ALA A 100 1.98 -17.79 -0.10
N LEU A 101 2.77 -16.73 -0.28
CA LEU A 101 3.64 -16.61 -1.43
C LEU A 101 5.00 -17.28 -1.22
N VAL A 102 5.44 -17.46 0.03
CA VAL A 102 6.78 -17.98 0.33
C VAL A 102 6.85 -19.40 0.91
N GLU A 103 5.70 -19.99 1.26
CA GLU A 103 5.66 -21.43 1.59
C GLU A 103 4.45 -22.10 0.97
N GLY A 104 4.38 -22.04 -0.36
CA GLY A 104 3.30 -22.66 -1.13
C GLY A 104 3.26 -24.17 -1.00
N LYS A 105 4.43 -24.80 -0.97
CA LYS A 105 4.53 -26.20 -0.62
C LYS A 105 4.94 -26.28 0.85
N PRO A 106 4.13 -26.96 1.70
CA PRO A 106 4.53 -27.05 3.12
C PRO A 106 5.91 -27.70 3.30
N GLY A 107 6.72 -27.11 4.18
CA GLY A 107 8.08 -27.55 4.39
C GLY A 107 9.10 -26.99 3.43
N GLU A 108 8.67 -26.17 2.44
CA GLU A 108 9.61 -25.52 1.49
C GLU A 108 9.48 -24.00 1.47
N TYR A 109 10.23 -23.34 2.36
CA TYR A 109 10.30 -21.89 2.39
C TYR A 109 11.10 -21.39 1.19
N ARG A 110 10.51 -20.49 0.40
CA ARG A 110 11.15 -19.91 -0.78
C ARG A 110 10.85 -18.43 -0.85
N ALA A 111 11.74 -17.63 -0.27
CA ALA A 111 11.71 -16.18 -0.39
C ALA A 111 12.94 -15.74 -1.19
N ASP A 112 12.93 -16.11 -2.47
CA ASP A 112 14.05 -15.90 -3.39
C ASP A 112 13.56 -15.11 -4.59
N GLY A 113 14.50 -14.66 -5.41
CA GLY A 113 14.20 -13.89 -6.62
C GLY A 113 13.32 -12.68 -6.32
N ILE A 114 12.13 -12.67 -6.91
CA ILE A 114 11.17 -11.57 -6.73
C ILE A 114 10.61 -11.48 -5.31
N PHE A 115 10.67 -12.57 -4.55
CA PHE A 115 10.20 -12.63 -3.15
C PHE A 115 11.32 -12.47 -2.11
N ASP A 116 12.53 -12.15 -2.56
CA ASP A 116 13.66 -11.94 -1.67
C ASP A 116 13.44 -10.67 -0.85
N LEU A 117 13.47 -10.80 0.47
CA LEU A 117 13.37 -9.64 1.33
C LEU A 117 14.67 -8.85 1.44
N GLU A 118 15.81 -9.48 1.15
CA GLU A 118 17.11 -8.83 1.38
C GLU A 118 17.38 -7.57 0.53
N PRO A 119 17.12 -7.62 -0.79
CA PRO A 119 17.24 -6.38 -1.59
C PRO A 119 16.27 -5.29 -1.17
N PHE A 120 15.09 -5.67 -0.70
CA PHE A 120 14.12 -4.75 -0.11
C PHE A 120 14.71 -4.00 1.10
N PHE A 121 15.38 -4.74 1.98
CA PHE A 121 16.03 -4.17 3.17
C PHE A 121 17.21 -3.29 2.80
N ASP A 122 17.99 -3.72 1.79
CA ASP A 122 19.09 -2.90 1.27
C ASP A 122 18.60 -1.61 0.62
N ALA A 123 17.46 -1.65 -0.06
CA ALA A 123 16.85 -0.45 -0.62
C ALA A 123 16.43 0.53 0.48
N ALA A 124 15.85 0.02 1.56
CA ALA A 124 15.47 0.87 2.70
C ALA A 124 16.69 1.55 3.33
N SER A 125 17.77 0.78 3.51
CA SER A 125 19.06 1.34 4.00
C SER A 125 19.64 2.38 3.06
N GLU A 126 19.58 2.14 1.77
CA GLU A 126 20.06 3.10 0.78
C GLU A 126 19.25 4.41 0.78
N ALA A 127 17.93 4.30 0.93
CA ALA A 127 17.06 5.47 1.03
C ALA A 127 17.11 6.19 2.38
N GLY A 128 17.63 5.51 3.41
CA GLY A 128 17.72 6.07 4.76
C GLY A 128 16.40 5.94 5.52
N ILE A 129 15.77 4.76 5.39
CA ILE A 129 14.45 4.50 5.93
C ILE A 129 14.56 3.29 6.86
N TYR A 130 14.18 3.49 8.13
CA TYR A 130 14.06 2.41 9.11
C TYR A 130 12.87 1.52 8.77
N LEU A 131 12.84 0.31 9.34
CA LEU A 131 11.76 -0.63 9.05
C LEU A 131 11.04 -1.20 10.28
N LEU A 132 9.71 -1.27 10.17
CA LEU A 132 8.86 -2.03 11.08
C LEU A 132 8.49 -3.34 10.35
N ALA A 133 9.05 -4.46 10.80
CA ALA A 133 8.78 -5.77 10.22
C ALA A 133 7.52 -6.43 10.81
N ARG A 134 6.60 -6.85 9.94
CA ARG A 134 5.33 -7.44 10.36
C ARG A 134 5.10 -8.73 9.56
N PRO A 135 5.84 -9.80 9.89
CA PRO A 135 5.76 -11.03 9.11
C PRO A 135 4.54 -11.91 9.38
N GLY A 136 3.71 -11.54 10.35
CA GLY A 136 2.50 -12.30 10.64
C GLY A 136 2.74 -13.31 11.77
N PRO A 137 2.52 -14.61 11.57
CA PRO A 137 2.14 -15.26 10.29
C PRO A 137 0.82 -14.81 9.64
N TYR A 138 -0.15 -14.36 10.44
CA TYR A 138 -1.39 -13.82 9.89
C TYR A 138 -1.22 -12.31 9.66
N ILE A 139 -1.59 -11.84 8.48
CA ILE A 139 -1.46 -10.41 8.11
C ILE A 139 -2.77 -9.71 7.70
N ASN A 140 -3.82 -10.46 7.39
CA ASN A 140 -5.05 -9.92 6.81
C ASN A 140 -4.71 -9.25 5.46
N ALA A 141 -4.54 -7.92 5.43
CA ALA A 141 -3.91 -7.22 4.31
C ALA A 141 -4.65 -7.31 2.97
N GLU A 142 -5.94 -7.65 2.98
CA GLU A 142 -6.68 -7.95 1.75
C GLU A 142 -5.94 -8.94 0.83
N SER A 143 -5.23 -9.91 1.42
CA SER A 143 -4.47 -10.90 0.66
C SER A 143 -5.20 -12.21 0.75
N SER A 144 -4.96 -13.11 -0.20
CA SER A 144 -5.55 -14.45 -0.16
C SER A 144 -5.15 -15.17 1.12
N GLY A 145 -6.15 -15.62 1.86
CA GLY A 145 -5.95 -16.35 3.11
C GLY A 145 -5.61 -15.46 4.29
N GLY A 146 -5.58 -14.14 4.07
CA GLY A 146 -5.03 -13.21 5.04
C GLY A 146 -3.58 -13.50 5.36
N GLY A 147 -2.85 -14.01 4.37
CA GLY A 147 -1.48 -14.48 4.56
C GLY A 147 -1.33 -16.00 4.61
N PHE A 148 -2.37 -16.71 5.05
CA PHE A 148 -2.29 -18.16 5.22
C PHE A 148 -2.29 -18.93 3.89
N PRO A 149 -1.33 -19.85 3.71
CA PRO A 149 -1.38 -20.76 2.55
C PRO A 149 -2.61 -21.65 2.61
N GLY A 150 -3.14 -22.02 1.45
CA GLY A 150 -4.35 -22.85 1.39
C GLY A 150 -4.23 -24.23 2.03
N TRP A 151 -3.01 -24.73 2.23
CA TRP A 151 -2.83 -25.98 2.99
C TRP A 151 -3.24 -25.91 4.46
N LEU A 152 -3.36 -24.70 5.03
CA LEU A 152 -3.99 -24.55 6.35
C LEU A 152 -5.47 -24.96 6.39
N GLN A 153 -6.13 -25.06 5.23
CA GLN A 153 -7.44 -25.72 5.15
C GLN A 153 -7.43 -27.21 5.57
N ARG A 154 -6.26 -27.85 5.63
CA ARG A 154 -6.13 -29.24 6.09
C ARG A 154 -5.57 -29.41 7.52
N VAL A 155 -5.45 -28.31 8.27
CA VAL A 155 -4.87 -28.33 9.62
C VAL A 155 -5.98 -28.61 10.65
N ASN A 156 -5.81 -29.69 11.43
CA ASN A 156 -6.81 -30.08 12.43
C ASN A 156 -6.57 -29.29 13.72
N GLY A 157 -7.06 -28.07 13.73
CA GLY A 157 -6.83 -27.12 14.81
C GLY A 157 -7.37 -25.74 14.44
N THR A 158 -7.66 -24.93 15.44
CA THR A 158 -8.17 -23.60 15.23
C THR A 158 -7.02 -22.69 14.80
N LEU A 159 -7.23 -21.96 13.71
CA LEU A 159 -6.21 -21.05 13.21
C LEU A 159 -6.09 -19.89 14.20
N ARG A 160 -4.84 -19.46 14.40
CA ARG A 160 -4.45 -18.38 15.31
C ARG A 160 -4.72 -18.73 16.78
N SER A 161 -4.58 -20.00 17.13
CA SER A 161 -4.79 -20.48 18.50
C SER A 161 -3.57 -21.27 18.96
N SER A 162 -3.56 -21.61 20.24
CA SER A 162 -2.47 -22.41 20.81
C SER A 162 -2.61 -23.91 20.53
N ASP A 163 -3.59 -24.30 19.71
CA ASP A 163 -3.66 -25.67 19.18
C ASP A 163 -2.36 -26.05 18.49
N LYS A 164 -1.81 -27.19 18.88
CA LYS A 164 -0.50 -27.63 18.41
C LYS A 164 -0.43 -27.80 16.89
N ALA A 165 -1.51 -28.25 16.27
CA ALA A 165 -1.54 -28.43 14.82
C ALA A 165 -1.39 -27.10 14.04
N TYR A 166 -2.00 -26.02 14.54
CA TYR A 166 -1.77 -24.69 13.97
C TYR A 166 -0.36 -24.19 14.25
N LEU A 167 0.06 -24.22 15.52
CA LEU A 167 1.40 -23.70 15.86
C LEU A 167 2.54 -24.43 15.15
N ASP A 168 2.43 -25.75 15.01
CA ASP A 168 3.41 -26.55 14.22
C ASP A 168 3.44 -26.13 12.75
N ALA A 169 2.27 -25.81 12.20
CA ALA A 169 2.19 -25.34 10.81
C ALA A 169 2.93 -24.02 10.57
N THR A 170 3.05 -23.17 11.60
CA THR A 170 3.75 -21.89 11.47
C THR A 170 5.28 -21.93 11.68
N ASP A 171 5.80 -22.99 12.31
CA ASP A 171 7.20 -23.00 12.78
C ASP A 171 8.24 -22.83 11.69
N ASN A 172 8.09 -23.53 10.58
CA ASN A 172 9.06 -23.43 9.48
C ASN A 172 9.10 -22.02 8.88
N TYR A 173 7.93 -21.43 8.64
CA TYR A 173 7.82 -20.08 8.09
C TYR A 173 8.45 -19.02 9.02
N VAL A 174 8.08 -19.03 10.29
CA VAL A 174 8.56 -17.99 11.22
C VAL A 174 10.06 -18.12 11.47
N SER A 175 10.57 -19.34 11.61
CA SER A 175 12.00 -19.54 11.85
C SER A 175 12.87 -19.09 10.68
N HIS A 176 12.31 -19.11 9.47
CA HIS A 176 13.00 -18.56 8.29
C HIS A 176 12.87 -17.04 8.24
N VAL A 177 11.65 -16.53 8.18
CA VAL A 177 11.43 -15.10 7.91
C VAL A 177 11.95 -14.26 9.06
N ALA A 178 11.81 -14.76 10.29
CA ALA A 178 12.29 -14.04 11.48
C ALA A 178 13.81 -14.07 11.59
N ALA A 179 14.46 -15.11 11.06
CA ALA A 179 15.94 -15.16 10.96
C ALA A 179 16.48 -14.18 9.92
N THR A 180 15.77 -14.04 8.81
CA THR A 180 16.09 -13.04 7.78
C THR A 180 15.90 -11.61 8.33
N ILE A 181 14.84 -11.39 9.08
CA ILE A 181 14.60 -10.11 9.75
C ILE A 181 15.68 -9.85 10.82
N ALA A 182 15.99 -10.86 11.64
CA ALA A 182 17.07 -10.77 12.65
C ALA A 182 18.40 -10.26 12.11
N LYS A 183 18.79 -10.77 10.94
CA LYS A 183 20.04 -10.40 10.27
C LYS A 183 20.09 -8.91 9.91
N TYR A 184 18.93 -8.31 9.58
CA TYR A 184 18.86 -6.89 9.19
C TYR A 184 18.37 -5.94 10.29
N GLN A 185 18.43 -6.37 11.56
CA GLN A 185 18.15 -5.47 12.67
C GLN A 185 19.17 -4.33 12.77
N ILE A 186 18.73 -3.19 13.30
CA ILE A 186 19.61 -2.06 13.61
C ILE A 186 20.79 -2.44 14.52
N THR A 187 20.60 -3.46 15.36
CA THR A 187 21.69 -3.98 16.19
C THR A 187 22.87 -4.50 15.37
N ASN A 188 22.61 -4.95 14.14
CA ASN A 188 23.64 -5.43 13.22
C ASN A 188 24.03 -4.45 12.10
N GLY A 189 23.64 -3.18 12.22
CA GLY A 189 23.87 -2.18 11.18
C GLY A 189 22.83 -2.14 10.06
N GLY A 190 21.67 -2.78 10.28
CA GLY A 190 20.59 -2.81 9.29
C GLY A 190 19.53 -1.78 9.63
N PRO A 191 18.44 -1.75 8.84
CA PRO A 191 17.37 -0.76 9.03
C PRO A 191 16.21 -1.13 9.98
N ILE A 192 16.10 -2.40 10.38
CA ILE A 192 14.87 -2.85 11.08
C ILE A 192 14.93 -2.47 12.56
N ILE A 193 13.94 -1.69 13.02
CA ILE A 193 13.92 -1.13 14.38
C ILE A 193 12.80 -1.66 15.32
N LEU A 194 11.70 -2.15 14.73
CA LEU A 194 10.56 -2.69 15.47
C LEU A 194 10.03 -3.95 14.77
N TYR A 195 9.46 -4.86 15.56
CA TYR A 195 8.91 -6.14 15.07
C TYR A 195 7.48 -6.30 15.60
N GLN A 196 6.56 -6.66 14.72
CA GLN A 196 5.18 -6.91 15.11
C GLN A 196 4.92 -8.41 15.08
N PRO A 197 4.62 -9.01 16.25
CA PRO A 197 4.11 -10.39 16.25
C PRO A 197 2.60 -10.39 16.02
N GLU A 198 2.12 -11.29 15.16
CA GLU A 198 0.68 -11.42 14.88
C GLU A 198 0.12 -10.16 14.19
N ASN A 199 -1.20 -10.06 14.06
CA ASN A 199 -1.85 -8.90 13.46
C ASN A 199 -3.26 -8.77 14.01
N GLU A 200 -3.51 -7.68 14.74
CA GLU A 200 -4.81 -7.34 15.27
C GLU A 200 -5.42 -8.54 16.03
N TYR A 201 -4.66 -9.03 17.00
CA TYR A 201 -5.12 -10.09 17.88
C TYR A 201 -6.06 -9.40 18.89
N THR A 202 -7.33 -9.32 18.50
CA THR A 202 -8.32 -8.42 19.11
C THR A 202 -9.74 -9.01 19.31
N SER A 203 -10.17 -9.88 18.41
CA SER A 203 -11.53 -10.38 18.38
C SER A 203 -11.46 -11.91 18.34
N GLY A 204 -12.17 -12.56 19.27
CA GLY A 204 -12.29 -14.01 19.34
C GLY A 204 -13.75 -14.45 19.38
N CYS A 205 -13.99 -15.71 19.01
CA CYS A 205 -15.33 -16.29 19.02
C CYS A 205 -15.24 -17.80 19.20
N CYS A 206 -16.40 -18.44 19.27
CA CYS A 206 -16.57 -19.84 18.88
C CYS A 206 -15.76 -20.84 19.72
N GLY A 207 -15.72 -20.61 21.03
CA GLY A 207 -15.06 -21.53 21.96
C GLY A 207 -13.60 -21.28 22.28
N VAL A 208 -12.93 -20.37 21.58
CA VAL A 208 -11.56 -19.95 21.93
C VAL A 208 -11.63 -19.12 23.20
N GLU A 209 -10.65 -19.26 24.10
CA GLU A 209 -10.56 -18.41 25.30
C GLU A 209 -9.71 -17.17 24.98
N PHE A 210 -10.33 -16.22 24.27
CA PHE A 210 -9.65 -15.02 23.85
C PHE A 210 -9.65 -13.99 25.00
N PRO A 211 -8.55 -13.25 25.21
CA PRO A 211 -7.24 -13.44 24.57
C PRO A 211 -6.43 -14.53 25.27
N ASP A 212 -5.73 -15.35 24.49
CA ASP A 212 -4.96 -16.45 25.03
C ASP A 212 -3.50 -16.00 25.21
N PRO A 213 -3.07 -15.76 26.47
CA PRO A 213 -1.67 -15.33 26.66
C PRO A 213 -0.63 -16.39 26.28
N VAL A 214 -1.00 -17.67 26.35
CA VAL A 214 -0.11 -18.76 25.91
C VAL A 214 0.17 -18.66 24.40
N TYR A 215 -0.86 -18.38 23.61
CA TYR A 215 -0.71 -18.23 22.16
C TYR A 215 0.21 -17.07 21.78
N MET A 216 -0.06 -15.89 22.33
CA MET A 216 0.75 -14.70 22.01
C MET A 216 2.19 -14.83 22.51
N GLN A 217 2.37 -15.43 23.68
CA GLN A 217 3.71 -15.68 24.20
C GLN A 217 4.48 -16.59 23.27
N TYR A 218 3.84 -17.64 22.78
CA TYR A 218 4.44 -18.54 21.81
C TYR A 218 4.86 -17.80 20.54
N VAL A 219 3.97 -16.96 20.02
CA VAL A 219 4.24 -16.18 18.79
C VAL A 219 5.44 -15.25 18.98
N GLU A 220 5.49 -14.56 20.13
CA GLU A 220 6.62 -13.70 20.49
C GLU A 220 7.93 -14.46 20.64
N ASP A 221 7.86 -15.65 21.24
CA ASP A 221 9.06 -16.47 21.45
C ASP A 221 9.64 -17.04 20.16
N GLN A 222 8.80 -17.35 19.17
CA GLN A 222 9.30 -17.76 17.85
C GLN A 222 10.23 -16.71 17.26
N ALA A 223 9.82 -15.44 17.37
CA ALA A 223 10.62 -14.32 16.88
C ALA A 223 11.93 -14.20 17.65
N ARG A 224 11.84 -14.24 18.99
CA ARG A 224 13.01 -14.18 19.89
C ARG A 224 13.98 -15.35 19.67
N ASN A 225 13.45 -16.56 19.48
CA ASN A 225 14.28 -17.74 19.22
C ASN A 225 15.02 -17.69 17.88
N ALA A 226 14.45 -16.98 16.90
CA ALA A 226 15.14 -16.70 15.63
C ALA A 226 16.19 -15.58 15.68
N GLY A 227 16.32 -14.87 16.80
CA GLY A 227 17.34 -13.83 16.98
C GLY A 227 16.85 -12.39 17.02
N VAL A 228 15.53 -12.20 16.98
CA VAL A 228 14.95 -10.86 17.04
C VAL A 228 15.07 -10.33 18.48
N VAL A 229 15.89 -9.29 18.66
CA VAL A 229 16.10 -8.64 19.97
C VAL A 229 15.49 -7.22 20.08
N ILE A 230 15.10 -6.63 18.94
CA ILE A 230 14.47 -5.31 18.92
C ILE A 230 13.11 -5.36 19.60
N PRO A 231 12.53 -4.19 19.94
CA PRO A 231 11.25 -4.23 20.63
C PRO A 231 10.10 -4.85 19.83
N LEU A 232 9.20 -5.53 20.54
CA LEU A 232 7.97 -6.05 19.98
C LEU A 232 6.84 -5.07 20.21
N ILE A 233 6.11 -4.80 19.14
CA ILE A 233 4.97 -3.87 19.14
C ILE A 233 3.77 -4.58 18.55
N ASN A 234 2.60 -4.39 19.14
CA ASN A 234 1.37 -4.98 18.61
C ASN A 234 0.51 -3.92 17.93
N ASN A 235 -0.59 -4.38 17.33
CA ASN A 235 -1.52 -3.49 16.65
C ASN A 235 -2.94 -3.93 16.91
N ASP A 236 -3.38 -3.76 18.16
CA ASP A 236 -4.76 -3.97 18.56
C ASP A 236 -5.68 -3.26 17.55
N ALA A 237 -6.71 -3.94 17.05
CA ALA A 237 -7.61 -3.36 16.03
C ALA A 237 -8.41 -2.16 16.57
N SER A 238 -8.80 -2.20 17.84
CA SER A 238 -9.34 -1.04 18.55
C SER A 238 -8.50 -0.85 19.79
N ALA A 239 -8.64 0.31 20.44
CA ALA A 239 -7.94 0.54 21.72
C ALA A 239 -8.59 -0.29 22.82
N SER A 240 -8.16 -1.54 22.90
CA SER A 240 -8.71 -2.52 23.84
C SER A 240 -7.70 -3.02 24.89
N GLY A 241 -6.49 -2.47 24.89
CA GLY A 241 -5.45 -2.85 25.84
C GLY A 241 -4.92 -4.28 25.74
N ASN A 242 -5.16 -4.96 24.63
CA ASN A 242 -4.75 -6.36 24.51
C ASN A 242 -3.23 -6.46 24.43
N ASN A 243 -2.66 -7.32 25.28
CA ASN A 243 -1.22 -7.57 25.33
C ASN A 243 -0.37 -6.35 25.70
N ALA A 244 -0.96 -5.39 26.41
CA ALA A 244 -0.24 -4.20 26.83
C ALA A 244 0.82 -4.59 27.87
N PRO A 245 1.94 -3.84 27.94
CA PRO A 245 2.88 -4.01 29.06
C PRO A 245 2.15 -4.05 30.41
N GLY A 246 2.57 -4.96 31.28
CA GLY A 246 1.93 -5.16 32.58
C GLY A 246 0.79 -6.16 32.62
N THR A 247 0.37 -6.68 31.47
CA THR A 247 -0.66 -7.74 31.41
C THR A 247 -0.05 -9.15 31.57
N GLY A 248 1.29 -9.23 31.64
CA GLY A 248 1.97 -10.46 31.99
C GLY A 248 2.30 -11.29 30.77
N LYS A 249 1.99 -12.58 30.84
CA LYS A 249 2.33 -13.52 29.77
C LYS A 249 1.67 -13.06 28.47
N GLY A 250 2.45 -13.05 27.39
CA GLY A 250 1.99 -12.59 26.08
C GLY A 250 2.05 -11.09 25.83
N ALA A 251 2.58 -10.32 26.80
CA ALA A 251 2.69 -8.88 26.67
C ALA A 251 3.82 -8.52 25.71
N VAL A 252 3.58 -7.50 24.89
CA VAL A 252 4.60 -6.93 24.02
C VAL A 252 5.31 -5.80 24.77
N ASP A 253 6.35 -5.24 24.14
CA ASP A 253 7.11 -4.15 24.74
C ASP A 253 6.42 -2.79 24.59
N ILE A 254 5.83 -2.54 23.42
CA ILE A 254 5.14 -1.26 23.17
C ILE A 254 3.72 -1.54 22.68
N TYR A 255 2.73 -1.02 23.38
CA TYR A 255 1.34 -1.23 23.00
C TYR A 255 0.98 -0.32 21.82
N GLY A 256 0.47 -0.91 20.74
CA GLY A 256 0.00 -0.13 19.60
C GLY A 256 -1.41 -0.52 19.25
N HIS A 257 -2.14 0.39 18.60
CA HIS A 257 -3.46 0.09 18.06
C HIS A 257 -3.70 0.73 16.69
N ASP A 258 -4.83 0.42 16.07
CA ASP A 258 -5.13 0.87 14.72
C ASP A 258 -6.39 1.75 14.73
N SER A 259 -6.64 2.42 13.61
CA SER A 259 -7.74 3.36 13.48
C SER A 259 -8.04 3.69 12.01
N TYR A 260 -9.27 3.45 11.59
CA TYR A 260 -9.75 3.85 10.27
C TYR A 260 -11.03 4.66 10.44
N PRO A 261 -10.91 5.88 10.98
CA PRO A 261 -12.08 6.61 11.46
C PRO A 261 -13.06 7.08 10.38
N LEU A 262 -12.62 7.15 9.13
CA LEU A 262 -13.49 7.55 8.03
C LEU A 262 -14.06 6.34 7.26
N GLY A 263 -13.69 5.12 7.65
CA GLY A 263 -14.28 3.92 7.06
C GLY A 263 -13.91 3.68 5.61
N PHE A 264 -14.62 2.71 4.99
CA PHE A 264 -14.28 2.23 3.65
C PHE A 264 -15.38 2.41 2.57
N ASP A 265 -16.36 3.27 2.85
CA ASP A 265 -17.39 3.66 1.86
C ASP A 265 -16.90 4.85 1.07
N CYS A 266 -16.12 4.57 0.02
CA CYS A 266 -15.58 5.60 -0.87
C CYS A 266 -16.62 6.20 -1.82
N ALA A 267 -17.85 5.66 -1.85
CA ALA A 267 -18.92 6.15 -2.72
C ALA A 267 -19.40 7.58 -2.44
N ASN A 268 -19.24 8.05 -1.20
CA ASN A 268 -19.65 9.42 -0.82
C ASN A 268 -18.45 10.20 -0.31
N PRO A 269 -17.51 10.51 -1.22
CA PRO A 269 -16.18 10.95 -0.81
C PRO A 269 -16.11 12.32 -0.13
N THR A 270 -17.20 13.10 -0.16
CA THR A 270 -17.27 14.38 0.55
C THR A 270 -17.94 14.31 1.92
N VAL A 271 -18.49 13.15 2.29
CA VAL A 271 -19.26 12.98 3.52
C VAL A 271 -18.34 12.60 4.68
N TRP A 272 -18.30 13.44 5.72
CA TRP A 272 -17.53 13.21 6.96
C TRP A 272 -18.54 13.09 8.09
N PRO A 273 -19.02 11.87 8.38
CA PRO A 273 -20.11 11.73 9.35
C PRO A 273 -19.81 12.32 10.72
N SER A 274 -20.85 12.87 11.35
CA SER A 274 -20.75 13.47 12.69
C SER A 274 -20.12 12.53 13.72
N GLY A 275 -19.23 13.08 14.56
CA GLY A 275 -18.60 12.31 15.63
C GLY A 275 -17.57 11.26 15.25
N ASP A 276 -17.15 11.18 13.98
CA ASP A 276 -16.16 10.17 13.54
C ASP A 276 -14.69 10.56 13.76
N LEU A 277 -14.39 11.84 13.99
CA LEU A 277 -13.05 12.26 14.37
C LEU A 277 -12.76 11.78 15.81
N PRO A 278 -11.73 10.94 16.00
CA PRO A 278 -11.43 10.49 17.36
C PRO A 278 -11.02 11.64 18.29
N THR A 279 -11.49 11.61 19.53
CA THR A 279 -11.17 12.63 20.53
C THR A 279 -10.60 12.06 21.84
N ASN A 280 -10.75 10.76 22.10
CA ASN A 280 -10.41 10.19 23.42
C ASN A 280 -9.09 9.41 23.44
N PHE A 281 -8.34 9.42 22.35
CA PHE A 281 -7.20 8.51 22.18
C PHE A 281 -6.10 8.65 23.24
N ARG A 282 -5.81 9.88 23.67
CA ARG A 282 -4.81 10.06 24.71
C ARG A 282 -5.30 9.56 26.07
N THR A 283 -6.56 9.82 26.38
CA THR A 283 -7.18 9.30 27.59
C THR A 283 -7.08 7.78 27.65
N LEU A 284 -7.44 7.11 26.55
CA LEU A 284 -7.34 5.66 26.45
C LEU A 284 -5.92 5.18 26.61
N HIS A 285 -5.00 5.89 25.96
CA HIS A 285 -3.58 5.58 26.06
C HIS A 285 -3.07 5.57 27.51
N LEU A 286 -3.46 6.57 28.28
CA LEU A 286 -3.03 6.68 29.69
C LEU A 286 -3.64 5.60 30.60
N GLU A 287 -4.79 5.05 30.22
CA GLU A 287 -5.39 3.92 30.93
C GLU A 287 -4.78 2.58 30.51
N GLN A 288 -4.40 2.45 29.24
CA GLN A 288 -4.06 1.14 28.65
C GLN A 288 -2.55 0.85 28.58
N SER A 289 -1.74 1.87 28.31
CA SER A 289 -0.29 1.69 28.30
C SER A 289 0.47 3.01 28.54
N PRO A 290 0.32 3.60 29.74
CA PRO A 290 0.96 4.90 30.03
C PRO A 290 2.51 4.91 30.03
N THR A 291 3.16 3.75 30.25
CA THR A 291 4.62 3.68 30.30
C THR A 291 5.29 3.58 28.94
N THR A 292 4.53 3.56 27.83
CA THR A 292 5.11 3.46 26.47
C THR A 292 4.64 4.60 25.57
N PRO A 293 5.38 4.89 24.48
CA PRO A 293 4.98 5.99 23.58
C PRO A 293 3.67 5.72 22.86
N TYR A 294 2.84 6.74 22.71
CA TYR A 294 1.55 6.53 22.05
C TYR A 294 1.79 6.16 20.58
N ALA A 295 1.20 5.03 20.16
CA ALA A 295 1.50 4.44 18.87
C ALA A 295 0.25 3.99 18.13
N ILE A 296 0.09 4.47 16.90
CA ILE A 296 -0.94 3.97 15.99
C ILE A 296 -0.22 3.26 14.86
N VAL A 297 -0.26 1.94 14.87
CA VAL A 297 0.52 1.11 13.96
C VAL A 297 -0.14 0.99 12.58
N GLN A 298 -1.45 1.13 12.51
CA GLN A 298 -2.12 1.35 11.22
C GLN A 298 -3.11 2.50 11.38
N PHE A 299 -2.74 3.67 10.85
CA PHE A 299 -3.71 4.75 10.69
C PHE A 299 -4.07 4.89 9.20
N GLN A 300 -5.34 5.16 8.96
CA GLN A 300 -5.89 5.23 7.61
C GLN A 300 -5.13 6.18 6.69
N GLY A 301 -4.66 5.64 5.57
CA GLY A 301 -4.02 6.39 4.50
C GLY A 301 -4.74 6.22 3.17
N GLY A 302 -5.92 5.64 3.22
CA GLY A 302 -6.68 5.29 2.03
C GLY A 302 -7.76 4.28 2.37
N SER A 303 -8.11 3.46 1.40
CA SER A 303 -9.17 2.48 1.59
C SER A 303 -9.08 1.40 0.51
N TYR A 304 -9.48 0.18 0.88
CA TYR A 304 -9.67 -0.88 -0.10
C TYR A 304 -10.96 -0.61 -0.89
N ASP A 305 -11.15 -1.38 -1.95
CA ASP A 305 -12.29 -1.23 -2.84
C ASP A 305 -12.65 -2.61 -3.38
N PRO A 306 -13.93 -3.02 -3.26
CA PRO A 306 -14.30 -4.35 -3.70
C PRO A 306 -14.66 -4.44 -5.19
N TRP A 307 -14.75 -5.67 -5.72
CA TRP A 307 -15.36 -5.91 -7.03
C TRP A 307 -16.65 -5.14 -7.11
N GLY A 308 -16.86 -4.46 -8.23
CA GLY A 308 -18.06 -3.65 -8.43
C GLY A 308 -18.12 -2.34 -7.64
N GLY A 309 -17.04 -1.99 -6.93
CA GLY A 309 -17.00 -0.77 -6.11
C GLY A 309 -16.81 0.50 -6.92
N PRO A 310 -16.76 1.66 -6.24
CA PRO A 310 -16.64 2.95 -6.95
C PRO A 310 -15.28 3.26 -7.60
N GLY A 311 -14.25 2.48 -7.29
CA GLY A 311 -12.90 2.72 -7.81
C GLY A 311 -12.02 3.42 -6.79
N PHE A 312 -10.71 3.31 -7.00
CA PHE A 312 -9.75 3.90 -6.08
C PHE A 312 -9.62 5.42 -6.24
N ALA A 313 -10.04 5.98 -7.38
CA ALA A 313 -10.11 7.44 -7.54
C ALA A 313 -11.03 8.05 -6.48
N ALA A 314 -12.20 7.45 -6.30
CA ALA A 314 -13.13 7.86 -5.23
C ALA A 314 -12.51 7.71 -3.83
N CYS A 315 -11.72 6.65 -3.61
CA CYS A 315 -11.00 6.49 -2.33
C CYS A 315 -9.94 7.56 -2.09
N SER A 316 -9.20 7.93 -3.12
CA SER A 316 -8.26 9.02 -3.02
C SER A 316 -8.94 10.36 -2.69
N GLU A 317 -10.18 10.56 -3.14
CA GLU A 317 -10.97 11.77 -2.79
C GLU A 317 -11.43 11.80 -1.34
N LEU A 318 -11.86 10.65 -0.81
CA LEU A 318 -12.28 10.57 0.60
C LEU A 318 -11.09 10.79 1.54
N LEU A 319 -9.98 10.12 1.27
CA LEU A 319 -8.75 10.27 2.06
C LEU A 319 -7.77 11.19 1.33
N ASN A 320 -8.25 12.40 1.05
CA ASN A 320 -7.49 13.41 0.30
C ASN A 320 -6.70 14.32 1.24
N ASN A 321 -6.12 15.39 0.69
CA ASN A 321 -5.34 16.34 1.48
C ASN A 321 -6.11 16.90 2.69
N GLU A 322 -7.41 17.11 2.56
CA GLU A 322 -8.21 17.67 3.67
C GLU A 322 -8.35 16.68 4.83
N PHE A 323 -8.60 15.43 4.50
CA PHE A 323 -8.58 14.34 5.47
C PHE A 323 -7.25 14.33 6.23
N GLU A 324 -6.15 14.42 5.49
CA GLU A 324 -4.81 14.35 6.09
C GLU A 324 -4.56 15.49 7.07
N ARG A 325 -4.79 16.72 6.64
CA ARG A 325 -4.46 17.85 7.50
C ARG A 325 -5.34 17.90 8.77
N VAL A 326 -6.61 17.54 8.64
CA VAL A 326 -7.51 17.48 9.79
C VAL A 326 -7.20 16.26 10.67
N PHE A 327 -7.22 15.06 10.08
CA PHE A 327 -7.10 13.82 10.87
C PHE A 327 -5.70 13.52 11.37
N TYR A 328 -4.68 13.82 10.56
CA TYR A 328 -3.30 13.54 10.98
C TYR A 328 -2.79 14.53 12.03
N LYS A 329 -3.15 15.81 11.90
CA LYS A 329 -2.81 16.78 12.95
C LYS A 329 -3.58 16.48 14.24
N ASN A 330 -4.77 15.89 14.08
CA ASN A 330 -5.53 15.40 15.24
C ASN A 330 -4.76 14.31 16.00
N ASP A 331 -4.08 13.43 15.27
CA ASP A 331 -3.21 12.44 15.93
C ASP A 331 -2.02 13.09 16.64
N PHE A 332 -1.48 14.15 16.05
CA PHE A 332 -0.48 14.98 16.73
C PHE A 332 -1.02 15.63 18.03
N SER A 333 -2.31 15.97 18.07
CA SER A 333 -2.91 16.54 19.28
C SER A 333 -2.86 15.59 20.49
N PHE A 334 -2.76 14.27 20.23
CA PHE A 334 -2.57 13.25 21.28
C PHE A 334 -1.11 12.93 21.60
N GLN A 335 -0.17 13.64 20.98
CA GLN A 335 1.27 13.37 21.12
C GLN A 335 1.64 11.97 20.65
N ILE A 336 1.15 11.63 19.46
CA ILE A 336 1.54 10.41 18.79
C ILE A 336 3.04 10.45 18.51
N ALA A 337 3.75 9.41 18.95
CA ALA A 337 5.21 9.28 18.73
C ALA A 337 5.60 8.19 17.70
N ILE A 338 4.69 7.28 17.38
CA ILE A 338 4.91 6.25 16.37
C ILE A 338 3.63 6.23 15.54
N MET A 339 3.74 6.62 14.28
CA MET A 339 2.57 6.75 13.42
C MET A 339 2.88 6.15 12.06
N ASN A 340 2.08 5.14 11.68
CA ASN A 340 2.24 4.44 10.43
C ASN A 340 0.95 4.52 9.61
N LEU A 341 1.09 4.98 8.37
CA LEU A 341 -0.02 5.15 7.46
C LEU A 341 -0.21 3.92 6.57
N TYR A 342 -1.37 3.26 6.72
CA TYR A 342 -1.76 2.12 5.89
C TYR A 342 -2.73 2.64 4.82
N MET A 343 -2.36 2.73 3.52
CA MET A 343 -1.05 2.44 2.93
C MET A 343 -0.40 3.77 2.56
N ILE A 344 0.91 3.77 2.33
CA ILE A 344 1.59 4.89 1.69
C ILE A 344 1.67 4.62 0.19
N PHE A 345 1.94 3.37 -0.17
CA PHE A 345 1.90 2.88 -1.55
C PHE A 345 1.33 1.47 -1.49
N GLY A 346 0.29 1.20 -2.27
CA GLY A 346 -0.42 -0.07 -2.23
C GLY A 346 0.08 -1.09 -3.24
N GLY A 347 0.29 -0.65 -4.47
CA GLY A 347 0.76 -1.55 -5.52
C GLY A 347 -0.36 -2.39 -6.11
N THR A 348 -0.03 -3.63 -6.45
CA THR A 348 -0.88 -4.45 -7.29
C THR A 348 -1.03 -5.86 -6.75
N ASN A 349 -2.28 -6.34 -6.74
CA ASN A 349 -2.62 -7.72 -6.41
C ASN A 349 -2.40 -8.62 -7.63
N TRP A 350 -1.14 -8.70 -8.09
CA TRP A 350 -0.77 -9.49 -9.26
C TRP A 350 -0.82 -10.99 -8.90
N GLY A 351 -0.92 -11.83 -9.93
CA GLY A 351 -0.80 -13.28 -9.76
C GLY A 351 -1.68 -13.92 -8.69
N ASN A 352 -2.92 -13.44 -8.57
CA ASN A 352 -3.93 -13.99 -7.66
C ASN A 352 -3.59 -13.92 -6.16
N LEU A 353 -2.69 -13.01 -5.78
CA LEU A 353 -2.27 -12.92 -4.39
C LEU A 353 -3.35 -12.30 -3.49
N GLY A 354 -4.32 -11.61 -4.08
CA GLY A 354 -5.34 -10.90 -3.33
C GLY A 354 -6.50 -11.73 -2.80
N TYR A 355 -7.18 -11.19 -1.80
CA TYR A 355 -8.38 -11.83 -1.22
C TYR A 355 -9.59 -11.76 -2.17
N PRO A 356 -10.63 -12.56 -1.91
CA PRO A 356 -11.72 -12.64 -2.90
C PRO A 356 -12.53 -11.37 -3.14
N ASN A 357 -12.67 -10.50 -2.14
CA ASN A 357 -13.51 -9.31 -2.28
C ASN A 357 -12.84 -8.20 -3.07
N GLY A 358 -11.50 -8.26 -3.20
CA GLY A 358 -10.72 -7.22 -3.89
C GLY A 358 -10.35 -7.64 -5.30
N TYR A 359 -10.01 -6.66 -6.12
CA TYR A 359 -9.67 -6.90 -7.52
C TYR A 359 -8.16 -6.72 -7.74
N THR A 360 -7.70 -6.63 -8.97
CA THR A 360 -6.27 -6.61 -9.24
C THR A 360 -5.54 -5.40 -8.64
N SER A 361 -6.13 -4.21 -8.79
CA SER A 361 -5.53 -2.99 -8.24
C SER A 361 -5.55 -3.00 -6.72
N TYR A 362 -4.48 -2.50 -6.11
CA TYR A 362 -4.47 -2.16 -4.68
C TYR A 362 -3.90 -0.74 -4.53
N ASP A 363 -4.30 0.15 -5.45
CA ASP A 363 -3.89 1.55 -5.43
C ASP A 363 -4.15 2.17 -4.04
N TYR A 364 -5.29 1.78 -3.47
CA TYR A 364 -5.66 2.11 -2.11
C TYR A 364 -6.09 3.57 -1.90
N GLY A 365 -6.10 4.38 -2.95
CA GLY A 365 -6.25 5.83 -2.82
C GLY A 365 -5.11 6.50 -2.07
N SER A 366 -3.94 5.88 -2.06
CA SER A 366 -2.85 6.30 -1.18
C SER A 366 -2.01 7.47 -1.76
N ALA A 367 -1.15 8.03 -0.92
CA ALA A 367 -0.30 9.17 -1.27
C ALA A 367 0.62 8.93 -2.47
N VAL A 368 1.14 7.70 -2.61
CA VAL A 368 1.83 7.26 -3.82
C VAL A 368 0.89 6.29 -4.55
N THR A 369 0.62 6.55 -5.83
CA THR A 369 -0.37 5.78 -6.58
C THR A 369 0.20 4.43 -7.01
N GLU A 370 -0.68 3.58 -7.55
CA GLU A 370 -0.33 2.24 -8.00
C GLU A 370 0.77 2.25 -9.06
N SER A 371 0.70 3.23 -9.96
CA SER A 371 1.73 3.44 -10.98
C SER A 371 2.96 4.22 -10.47
N ARG A 372 3.04 4.41 -9.14
CA ARG A 372 4.16 5.05 -8.43
C ARG A 372 4.24 6.58 -8.53
N ASN A 373 3.24 7.23 -9.11
CA ASN A 373 3.30 8.69 -9.22
C ASN A 373 2.87 9.39 -7.94
N ILE A 374 3.37 10.62 -7.79
CA ILE A 374 3.13 11.44 -6.61
C ILE A 374 2.48 12.76 -7.06
N THR A 375 1.49 12.65 -7.94
CA THR A 375 0.71 13.80 -8.39
C THR A 375 -0.39 14.17 -7.43
N ARG A 376 -0.88 13.23 -6.63
CA ARG A 376 -2.02 13.53 -5.77
C ARG A 376 -1.68 14.63 -4.79
N GLU A 377 -2.62 15.55 -4.55
CA GLU A 377 -2.34 16.68 -3.67
C GLU A 377 -2.04 16.23 -2.24
N LYS A 378 -2.62 15.10 -1.84
CA LYS A 378 -2.35 14.49 -0.54
C LYS A 378 -0.86 14.13 -0.30
N TYR A 379 -0.09 13.85 -1.34
CA TYR A 379 1.35 13.61 -1.17
C TYR A 379 2.02 14.89 -0.66
N SER A 380 1.76 15.99 -1.36
CA SER A 380 2.37 17.27 -1.05
C SER A 380 1.96 17.80 0.34
N GLU A 381 0.69 17.65 0.70
CA GLU A 381 0.21 18.07 2.02
C GLU A 381 0.89 17.26 3.12
N LEU A 382 1.00 15.95 2.91
CA LEU A 382 1.63 15.04 3.87
C LEU A 382 3.08 15.41 4.11
N LYS A 383 3.79 15.75 3.03
CA LYS A 383 5.18 16.24 3.10
C LYS A 383 5.38 17.43 4.05
N LEU A 384 4.41 18.33 4.12
CA LEU A 384 4.50 19.50 4.99
C LEU A 384 4.49 19.10 6.48
N LEU A 385 3.57 18.21 6.84
CA LEU A 385 3.48 17.67 8.20
C LEU A 385 4.69 16.79 8.54
N GLY A 386 5.10 15.95 7.58
CA GLY A 386 6.25 15.06 7.78
C GLY A 386 7.53 15.84 8.05
N ASN A 387 7.72 16.91 7.31
CA ASN A 387 8.91 17.76 7.51
C ASN A 387 8.85 18.61 8.78
N PHE A 388 7.64 19.00 9.20
CA PHE A 388 7.44 19.62 10.51
C PHE A 388 7.94 18.72 11.64
N ALA A 389 7.55 17.45 11.60
CA ALA A 389 7.85 16.51 12.67
C ALA A 389 9.35 16.19 12.72
N LYS A 390 9.96 16.07 11.54
CA LYS A 390 11.38 15.80 11.42
C LYS A 390 12.27 16.82 12.16
N VAL A 391 11.82 18.08 12.28
CA VAL A 391 12.63 19.17 12.87
C VAL A 391 12.06 19.83 14.14
N SER A 392 11.14 19.16 14.83
CA SER A 392 10.48 19.76 15.99
C SER A 392 10.61 18.84 17.21
N PRO A 393 11.82 18.76 17.81
CA PRO A 393 12.03 17.90 18.99
C PRO A 393 11.18 18.24 20.21
N GLY A 394 10.82 19.50 20.39
CA GLY A 394 9.93 19.92 21.48
C GLY A 394 8.53 19.34 21.49
N TYR A 395 8.05 18.93 20.32
CA TYR A 395 6.79 18.18 20.19
C TYR A 395 6.73 16.94 21.11
N LEU A 396 7.84 16.21 21.19
CA LEU A 396 7.89 14.96 21.99
C LEU A 396 8.00 15.17 23.50
N THR A 397 8.63 16.27 23.94
CA THR A 397 8.80 16.53 25.38
C THR A 397 7.70 17.35 26.05
N ALA A 398 6.77 17.89 25.26
CA ALA A 398 5.66 18.69 25.81
C ALA A 398 4.65 17.86 26.62
N SER A 399 3.76 18.56 27.33
CA SER A 399 2.67 17.94 28.11
C SER A 399 1.30 18.17 27.45
N PRO A 400 0.72 17.13 26.84
CA PRO A 400 -0.60 17.33 26.22
C PRO A 400 -1.69 17.56 27.26
N GLY A 401 -2.57 18.51 26.96
CA GLY A 401 -3.78 18.73 27.74
C GLY A 401 -4.97 18.23 26.95
N ASN A 402 -6.14 18.33 27.56
CA ASN A 402 -7.39 17.97 26.92
C ASN A 402 -7.78 19.04 25.90
N LEU A 403 -8.55 18.65 24.90
CA LEU A 403 -9.09 19.60 23.93
C LEU A 403 -10.00 20.62 24.63
N THR A 404 -10.02 21.86 24.12
CA THR A 404 -10.79 22.97 24.70
C THR A 404 -11.56 23.69 23.61
N THR A 405 -12.73 24.21 23.95
CA THR A 405 -13.49 25.09 23.05
C THR A 405 -13.42 26.55 23.50
N SER A 406 -12.61 26.82 24.52
CA SER A 406 -12.31 28.20 24.94
C SER A 406 -11.03 28.24 25.75
N GLY A 407 -10.51 29.46 25.95
CA GLY A 407 -9.28 29.67 26.73
C GLY A 407 -8.09 29.97 25.84
N TYR A 408 -7.99 29.28 24.69
CA TYR A 408 -6.93 29.52 23.71
C TYR A 408 -7.45 30.29 22.50
N ALA A 409 -8.51 29.81 21.86
CA ALA A 409 -9.15 30.56 20.77
C ALA A 409 -10.42 31.22 21.31
N ASP A 410 -10.73 32.40 20.77
CA ASP A 410 -11.85 33.22 21.27
C ASP A 410 -13.23 32.89 20.66
N THR A 411 -13.39 31.70 20.07
CA THR A 411 -14.71 31.20 19.69
C THR A 411 -14.85 29.70 19.97
N THR A 412 -16.06 29.29 20.38
CA THR A 412 -16.36 27.87 20.61
C THR A 412 -16.56 27.09 19.30
N ASP A 413 -16.65 27.79 18.17
CA ASP A 413 -16.64 27.16 16.84
C ASP A 413 -15.31 26.47 16.53
N LEU A 414 -14.23 26.85 17.23
CA LEU A 414 -12.95 26.16 17.14
C LEU A 414 -12.62 25.38 18.39
N THR A 415 -11.94 24.26 18.21
CA THR A 415 -11.37 23.47 19.29
C THR A 415 -9.84 23.59 19.24
N VAL A 416 -9.21 23.66 20.41
CA VAL A 416 -7.75 23.81 20.52
C VAL A 416 -7.25 22.80 21.53
N THR A 417 -6.27 21.99 21.12
CA THR A 417 -5.62 21.05 22.02
C THR A 417 -4.20 21.54 22.25
N PRO A 418 -3.85 21.88 23.51
CA PRO A 418 -2.51 22.36 23.81
C PRO A 418 -1.55 21.24 24.17
N LEU A 419 -0.32 21.35 23.67
CA LEU A 419 0.81 20.57 24.15
C LEU A 419 1.78 21.58 24.78
N LEU A 420 1.79 21.65 26.11
CA LEU A 420 2.53 22.69 26.83
C LEU A 420 3.93 22.22 27.26
N GLY A 421 4.94 22.91 26.77
CA GLY A 421 6.32 22.75 27.25
C GLY A 421 6.72 24.12 27.73
N ASN A 422 7.83 24.20 28.43
CA ASN A 422 8.24 25.48 29.00
C ASN A 422 9.36 25.98 28.10
N SER A 423 10.61 25.67 28.44
CA SER A 423 11.75 26.08 27.64
C SER A 423 11.74 25.39 26.26
N THR A 424 11.26 24.14 26.19
CA THR A 424 11.26 23.37 24.93
C THR A 424 10.09 23.66 23.96
N GLY A 425 9.21 24.60 24.31
CA GLY A 425 8.19 25.09 23.37
C GLY A 425 6.83 24.43 23.52
N SER A 426 5.79 25.11 23.04
CA SER A 426 4.42 24.59 23.08
C SER A 426 3.79 24.55 21.69
N PHE A 427 2.75 23.73 21.56
CA PHE A 427 2.06 23.49 20.30
C PHE A 427 0.56 23.55 20.56
N PHE A 428 -0.17 24.10 19.60
CA PHE A 428 -1.60 24.33 19.73
C PHE A 428 -2.26 23.86 18.44
N VAL A 429 -2.98 22.75 18.52
CA VAL A 429 -3.65 22.14 17.37
C VAL A 429 -5.06 22.71 17.27
N VAL A 430 -5.32 23.46 16.20
CA VAL A 430 -6.59 24.14 16.00
C VAL A 430 -7.39 23.44 14.90
N ARG A 431 -8.68 23.31 15.12
CA ARG A 431 -9.61 22.78 14.13
C ARG A 431 -11.01 23.30 14.47
N HIS A 432 -11.95 23.13 13.54
CA HIS A 432 -13.36 23.37 13.84
C HIS A 432 -13.85 22.37 14.87
N SER A 433 -14.69 22.83 15.79
CA SER A 433 -15.27 21.96 16.82
C SER A 433 -16.13 20.89 16.17
N ASP A 434 -16.95 21.31 15.22
CA ASP A 434 -17.59 20.39 14.28
C ASP A 434 -16.55 20.12 13.18
N TYR A 435 -15.83 19.01 13.31
CA TYR A 435 -14.67 18.71 12.46
C TYR A 435 -14.97 18.64 10.95
N SER A 436 -16.24 18.42 10.58
CA SER A 436 -16.65 18.35 9.18
C SER A 436 -16.99 19.70 8.56
N SER A 437 -17.11 20.74 9.39
CA SER A 437 -17.50 22.08 8.93
C SER A 437 -16.67 22.56 7.74
N GLU A 438 -17.35 23.13 6.75
CA GLU A 438 -16.69 23.79 5.62
C GLU A 438 -16.74 25.32 5.74
N GLU A 439 -17.09 25.82 6.91
CA GLU A 439 -17.25 27.26 7.14
C GLU A 439 -15.89 27.93 7.30
N SER A 440 -15.86 29.21 6.96
CA SER A 440 -14.70 30.06 7.19
C SER A 440 -14.89 30.75 8.52
N THR A 441 -13.89 30.66 9.40
CA THR A 441 -14.02 31.12 10.78
C THR A 441 -12.90 32.07 11.21
N SER A 442 -13.28 33.25 11.68
CA SER A 442 -12.35 34.22 12.25
C SER A 442 -12.08 33.93 13.70
N TYR A 443 -10.84 34.16 14.12
CA TYR A 443 -10.47 34.01 15.51
C TYR A 443 -9.22 34.75 15.90
N LYS A 444 -9.04 34.85 17.22
CA LYS A 444 -7.85 35.37 17.86
C LYS A 444 -7.42 34.32 18.87
N LEU A 445 -6.12 34.26 19.14
CA LEU A 445 -5.57 33.33 20.10
C LEU A 445 -5.10 34.07 21.33
N ARG A 446 -5.22 33.40 22.48
CA ARG A 446 -4.59 33.81 23.73
C ARG A 446 -3.58 32.70 24.09
N LEU A 447 -2.29 32.94 23.87
CA LEU A 447 -1.27 31.92 24.07
C LEU A 447 -0.29 32.30 25.16
N PRO A 448 0.09 31.34 26.02
CA PRO A 448 1.18 31.59 26.96
C PRO A 448 2.51 31.51 26.24
N THR A 449 3.44 32.38 26.62
CA THR A 449 4.82 32.35 26.09
C THR A 449 5.81 32.70 27.20
N SER A 450 7.07 32.39 26.98
CA SER A 450 8.16 32.79 27.89
C SER A 450 8.24 34.32 28.06
N ALA A 451 7.79 35.07 27.05
CA ALA A 451 7.67 36.54 27.13
C ALA A 451 6.34 37.04 27.74
N GLY A 452 5.47 36.15 28.23
CA GLY A 452 4.17 36.52 28.81
C GLY A 452 3.04 36.01 27.94
N SER A 453 1.83 36.01 28.51
CA SER A 453 0.62 35.67 27.74
C SER A 453 0.31 36.78 26.74
N VAL A 454 -0.12 36.39 25.55
CA VAL A 454 -0.32 37.35 24.46
C VAL A 454 -1.57 37.02 23.65
N THR A 455 -2.34 38.05 23.31
CA THR A 455 -3.49 37.95 22.44
C THR A 455 -3.01 38.23 21.00
N ILE A 456 -3.25 37.27 20.10
CA ILE A 456 -2.69 37.27 18.72
C ILE A 456 -3.84 37.35 17.72
N PRO A 457 -3.84 38.27 16.75
CA PRO A 457 -2.71 39.16 16.40
C PRO A 457 -2.58 40.43 17.24
N GLN A 458 -1.36 40.73 17.70
CA GLN A 458 -1.03 41.96 18.44
C GLN A 458 -1.17 43.22 17.60
N LEU A 459 -0.86 43.11 16.30
CA LEU A 459 -0.80 44.28 15.41
C LEU A 459 -2.07 44.54 14.61
N GLY A 460 -3.17 43.87 14.93
CA GLY A 460 -4.42 44.03 14.20
C GLY A 460 -4.72 42.87 13.27
N GLY A 461 -5.98 42.78 12.88
CA GLY A 461 -6.49 41.70 12.04
C GLY A 461 -6.92 40.50 12.85
N THR A 462 -7.39 39.47 12.15
CA THR A 462 -7.80 38.21 12.74
C THR A 462 -7.13 37.08 12.01
N LEU A 463 -7.09 35.92 12.65
CA LEU A 463 -6.66 34.69 12.00
C LEU A 463 -7.89 34.08 11.34
N THR A 464 -7.65 33.18 10.39
CA THR A 464 -8.74 32.48 9.70
C THR A 464 -8.43 30.98 9.59
N LEU A 465 -9.44 30.16 9.87
CA LEU A 465 -9.43 28.73 9.55
C LEU A 465 -10.53 28.48 8.51
N ASN A 466 -10.12 28.13 7.30
CA ASN A 466 -11.04 27.96 6.18
C ASN A 466 -11.40 26.49 6.03
N GLY A 467 -12.60 26.15 6.47
CA GLY A 467 -13.20 24.85 6.20
C GLY A 467 -12.48 23.67 6.81
N ARG A 468 -12.24 22.64 6.00
CA ARG A 468 -11.71 21.37 6.49
C ARG A 468 -10.20 21.46 6.51
N ASP A 469 -9.71 22.12 7.55
CA ASP A 469 -8.31 22.39 7.74
C ASP A 469 -8.02 22.41 9.23
N SER A 470 -6.75 22.19 9.56
CA SER A 470 -6.27 22.27 10.93
C SER A 470 -4.85 22.82 10.91
N LYS A 471 -4.48 23.51 11.98
CA LYS A 471 -3.18 24.16 12.09
C LYS A 471 -2.48 23.73 13.38
N ILE A 472 -1.16 23.62 13.32
CA ILE A 472 -0.34 23.53 14.52
C ILE A 472 0.36 24.88 14.67
N HIS A 473 -0.18 25.74 15.54
CA HIS A 473 0.50 26.99 15.93
C HIS A 473 1.55 26.64 16.96
N VAL A 474 2.67 27.39 16.97
CA VAL A 474 3.79 27.13 17.88
C VAL A 474 4.15 28.34 18.72
N THR A 475 4.69 28.07 19.91
CA THR A 475 5.26 29.10 20.77
C THR A 475 6.60 28.62 21.31
N ASP A 476 7.50 29.57 21.52
CA ASP A 476 8.85 29.31 22.00
C ASP A 476 9.51 28.15 21.25
N TYR A 477 9.47 28.26 19.93
CA TYR A 477 9.96 27.23 19.01
C TYR A 477 11.43 27.54 18.72
N ASN A 478 12.29 26.55 18.98
CA ASN A 478 13.73 26.70 18.86
C ASN A 478 14.17 26.52 17.42
N VAL A 479 14.79 27.57 16.86
CA VAL A 479 15.46 27.48 15.57
C VAL A 479 16.95 27.67 15.83
N SER A 480 17.59 26.59 16.26
CA SER A 480 19.03 26.56 16.54
C SER A 480 19.51 27.76 17.40
N GLY A 481 18.87 27.95 18.56
CA GLY A 481 19.22 29.03 19.47
C GLY A 481 18.45 30.34 19.31
N THR A 482 17.79 30.55 18.17
CA THR A 482 16.87 31.69 18.01
C THR A 482 15.49 31.24 18.44
N ASN A 483 14.90 31.94 19.40
CA ASN A 483 13.58 31.59 19.90
C ASN A 483 12.47 32.29 19.09
N ILE A 484 11.61 31.50 18.46
CA ILE A 484 10.40 32.03 17.83
C ILE A 484 9.35 32.06 18.94
N ILE A 485 9.00 33.26 19.41
CA ILE A 485 8.12 33.41 20.57
C ILE A 485 6.74 32.85 20.22
N TYR A 486 6.25 33.20 19.03
CA TYR A 486 5.15 32.49 18.42
C TYR A 486 5.14 32.63 16.90
N SER A 487 4.46 31.70 16.24
CA SER A 487 4.11 31.83 14.85
C SER A 487 2.74 31.19 14.66
N THR A 488 1.85 31.91 14.01
CA THR A 488 0.53 31.38 13.67
C THR A 488 0.63 30.53 12.38
N ALA A 489 1.44 31.00 11.42
CA ALA A 489 1.73 30.24 10.23
C ALA A 489 2.56 29.03 10.60
N GLU A 490 2.33 27.92 9.90
CA GLU A 490 2.91 26.63 10.27
C GLU A 490 4.32 26.46 9.74
N VAL A 491 5.10 25.69 10.49
CA VAL A 491 6.49 25.42 10.19
C VAL A 491 6.55 24.26 9.18
N PHE A 492 7.21 24.49 8.06
CA PHE A 492 7.56 23.43 7.11
C PHE A 492 8.92 22.84 7.50
N THR A 493 9.93 23.71 7.57
CA THR A 493 11.27 23.29 8.01
C THR A 493 12.08 24.47 8.52
N TRP A 494 13.23 24.15 9.10
CA TRP A 494 14.26 25.15 9.40
C TRP A 494 15.61 24.48 9.41
N LYS A 495 16.64 25.25 9.10
CA LYS A 495 18.03 24.78 9.14
C LYS A 495 18.97 25.91 9.55
N LYS A 496 20.09 25.52 10.17
CA LYS A 496 21.21 26.39 10.43
C LYS A 496 22.26 26.11 9.36
N PHE A 497 22.63 27.14 8.60
CA PHE A 497 23.68 27.03 7.59
C PHE A 497 24.87 27.85 8.08
N ALA A 498 25.97 27.83 7.34
CA ALA A 498 27.18 28.58 7.72
C ALA A 498 26.96 30.09 7.69
N ASP A 499 26.21 30.56 6.70
CA ASP A 499 25.88 31.98 6.53
C ASP A 499 24.71 32.51 7.40
N GLY A 500 24.08 31.64 8.19
CA GLY A 500 22.93 32.03 9.04
C GLY A 500 21.87 30.95 9.09
N LYS A 501 20.68 31.31 9.58
CA LYS A 501 19.57 30.37 9.75
C LYS A 501 18.42 30.69 8.80
N VAL A 502 17.69 29.66 8.40
CA VAL A 502 16.52 29.80 7.53
C VAL A 502 15.32 29.07 8.15
N LEU A 503 14.17 29.74 8.16
CA LEU A 503 12.91 29.17 8.65
C LEU A 503 11.89 29.30 7.51
N VAL A 504 11.14 28.23 7.22
CA VAL A 504 10.10 28.29 6.18
C VAL A 504 8.73 28.14 6.82
N LEU A 505 7.88 29.13 6.64
CA LEU A 505 6.54 29.16 7.18
C LEU A 505 5.53 29.20 6.03
N TYR A 506 4.34 28.65 6.25
CA TYR A 506 3.27 28.72 5.25
C TYR A 506 1.89 28.91 5.89
N GLY A 507 0.98 29.52 5.11
CA GLY A 507 -0.44 29.60 5.42
C GLY A 507 -1.25 29.34 4.16
N GLY A 508 -2.51 28.99 4.32
CA GLY A 508 -3.47 28.92 3.20
C GLY A 508 -3.89 30.29 2.68
N ALA A 509 -4.44 30.31 1.46
CA ALA A 509 -4.91 31.55 0.79
C ALA A 509 -5.95 32.30 1.62
N GLY A 510 -5.86 33.62 1.61
CA GLY A 510 -6.76 34.49 2.39
C GLY A 510 -6.42 34.64 3.87
N GLU A 511 -5.34 34.01 4.35
CA GLU A 511 -5.04 34.03 5.78
C GLU A 511 -4.11 35.17 6.11
N HIS A 512 -4.36 35.80 7.24
CA HIS A 512 -3.43 36.75 7.83
C HIS A 512 -2.73 36.03 8.98
N HIS A 513 -1.42 36.20 9.08
CA HIS A 513 -0.63 35.52 10.09
C HIS A 513 0.29 36.47 10.82
N GLU A 514 0.84 36.00 11.93
CA GLU A 514 1.73 36.82 12.74
C GLU A 514 2.79 35.97 13.43
N LEU A 515 3.97 36.55 13.60
CA LEU A 515 5.02 35.91 14.37
C LEU A 515 5.75 36.93 15.22
N ALA A 516 6.46 36.42 16.22
CA ALA A 516 7.32 37.24 17.06
C ALA A 516 8.57 36.47 17.41
N ILE A 517 9.70 37.19 17.47
CA ILE A 517 11.02 36.61 17.66
C ILE A 517 11.70 37.28 18.86
N SER A 518 12.31 36.49 19.74
CA SER A 518 13.09 37.01 20.86
C SER A 518 14.39 37.55 20.30
N THR A 519 14.45 38.87 20.14
CA THR A 519 15.60 39.51 19.53
C THR A 519 15.49 41.01 19.76
N LYS A 520 16.62 41.70 19.63
CA LYS A 520 16.63 43.16 19.59
C LYS A 520 16.86 43.72 18.19
N SER A 521 17.06 42.84 17.21
CA SER A 521 17.17 43.26 15.82
C SER A 521 15.83 43.68 15.28
N ASN A 522 15.87 44.53 14.27
CA ASN A 522 14.68 44.90 13.54
C ASN A 522 14.49 43.88 12.40
N VAL A 523 13.38 44.01 11.68
CA VAL A 523 13.06 43.16 10.54
C VAL A 523 13.24 43.95 9.24
N THR A 524 13.67 43.26 8.20
CA THR A 524 13.83 43.81 6.85
C THR A 524 13.22 42.83 5.84
N VAL A 525 12.53 43.37 4.84
CA VAL A 525 12.00 42.56 3.76
C VAL A 525 13.09 42.50 2.69
N ILE A 526 13.68 41.33 2.49
CA ILE A 526 14.79 41.16 1.53
C ILE A 526 14.41 40.52 0.20
N GLU A 527 13.17 40.02 0.08
CA GLU A 527 12.61 39.61 -1.21
C GLU A 527 11.12 39.87 -1.19
N GLY A 528 10.62 40.45 -2.27
CA GLY A 528 9.20 40.75 -2.41
C GLY A 528 8.83 42.11 -1.83
N SER A 529 7.58 42.48 -2.03
CA SER A 529 7.07 43.79 -1.61
C SER A 529 7.01 43.94 -0.08
N GLU A 530 6.96 45.18 0.38
CA GLU A 530 6.70 45.51 1.77
C GLU A 530 5.21 45.69 2.04
N SER A 531 4.39 45.65 0.97
CA SER A 531 2.94 45.78 1.06
C SER A 531 2.35 44.58 1.80
N GLY A 532 1.53 44.84 2.82
CA GLY A 532 0.96 43.77 3.63
C GLY A 532 1.82 43.29 4.79
N ILE A 533 3.10 43.65 4.81
CA ILE A 533 4.01 43.29 5.91
C ILE A 533 4.03 44.44 6.91
N SER A 534 3.49 44.19 8.10
CA SER A 534 3.54 45.15 9.20
C SER A 534 4.48 44.63 10.28
N SER A 535 5.05 45.53 11.07
CA SER A 535 5.95 45.14 12.15
C SER A 535 6.02 46.15 13.29
N LYS A 536 6.49 45.68 14.43
CA LYS A 536 6.76 46.52 15.58
C LYS A 536 7.88 45.89 16.43
N GLN A 537 8.72 46.72 17.04
CA GLN A 537 9.71 46.26 18.02
C GLN A 537 9.27 46.58 19.44
N THR A 538 9.54 45.66 20.37
CA THR A 538 9.50 45.94 21.80
C THR A 538 10.94 45.88 22.29
N SER A 539 11.13 46.02 23.60
CA SER A 539 12.49 46.05 24.18
C SER A 539 13.28 44.76 23.98
N SER A 540 12.60 43.61 23.87
CA SER A 540 13.27 42.34 23.59
C SER A 540 12.57 41.44 22.56
N SER A 541 11.75 42.02 21.69
CA SER A 541 11.14 41.26 20.61
C SER A 541 10.88 42.08 19.35
N VAL A 542 10.69 41.38 18.25
CA VAL A 542 10.15 41.98 17.03
C VAL A 542 8.95 41.14 16.63
N VAL A 543 7.88 41.83 16.22
CA VAL A 543 6.62 41.22 15.86
C VAL A 543 6.40 41.53 14.39
N VAL A 544 6.00 40.53 13.61
CA VAL A 544 5.75 40.70 12.17
C VAL A 544 4.38 40.16 11.79
N GLY A 545 3.57 40.95 11.12
CA GLY A 545 2.29 40.51 10.57
C GLY A 545 2.40 40.37 9.06
N TRP A 546 1.67 39.42 8.48
CA TRP A 546 1.69 39.22 7.04
C TRP A 546 0.43 38.55 6.51
N ASP A 547 0.09 38.89 5.27
CA ASP A 547 -0.97 38.24 4.53
C ASP A 547 -0.36 37.23 3.58
N VAL A 548 -0.96 36.05 3.53
CA VAL A 548 -0.52 34.99 2.64
C VAL A 548 -0.71 35.49 1.20
N SER A 549 0.30 35.25 0.38
CA SER A 549 0.31 35.65 -1.02
C SER A 549 0.93 34.55 -1.88
N THR A 550 0.52 34.50 -3.14
CA THR A 550 1.13 33.60 -4.11
C THR A 550 2.59 33.96 -4.43
N THR A 551 2.97 35.20 -4.18
CA THR A 551 4.36 35.64 -4.30
C THR A 551 5.05 35.49 -2.96
N ARG A 552 6.21 34.83 -2.98
CA ARG A 552 7.00 34.65 -1.78
C ARG A 552 7.50 35.98 -1.21
N ARG A 553 7.49 36.11 0.12
CA ARG A 553 8.30 37.12 0.81
C ARG A 553 9.38 36.43 1.60
N ILE A 554 10.54 37.08 1.69
CA ILE A 554 11.59 36.65 2.59
C ILE A 554 11.92 37.83 3.49
N ILE A 555 11.83 37.63 4.80
CA ILE A 555 12.23 38.65 5.76
C ILE A 555 13.49 38.20 6.46
N GLN A 556 14.25 39.17 6.97
CA GLN A 556 15.46 38.88 7.72
C GLN A 556 15.41 39.57 9.08
N VAL A 557 15.75 38.82 10.12
CA VAL A 557 15.83 39.32 11.48
C VAL A 557 17.13 38.81 12.08
N GLY A 558 18.12 39.68 12.18
CA GLY A 558 19.47 39.27 12.59
C GLY A 558 20.04 38.29 11.58
N ASP A 559 20.46 37.13 12.08
CA ASP A 559 20.97 36.04 11.23
C ASP A 559 19.88 35.03 10.82
N LEU A 560 18.60 35.35 11.04
CA LEU A 560 17.49 34.51 10.65
C LEU A 560 16.82 35.04 9.40
N LYS A 561 16.79 34.24 8.34
CA LYS A 561 15.92 34.47 7.19
C LYS A 561 14.66 33.63 7.36
N ILE A 562 13.51 34.21 6.99
CA ILE A 562 12.23 33.54 7.11
C ILE A 562 11.48 33.65 5.79
N LEU A 563 11.20 32.49 5.19
CA LEU A 563 10.37 32.40 3.99
C LEU A 563 8.91 32.38 4.42
N LEU A 564 8.13 33.29 3.86
CA LEU A 564 6.69 33.38 4.12
C LEU A 564 5.99 32.94 2.85
N LEU A 565 5.42 31.72 2.87
CA LEU A 565 4.84 31.08 1.68
C LEU A 565 3.35 30.86 1.81
N ASP A 566 2.67 30.75 0.68
CA ASP A 566 1.35 30.13 0.65
C ASP A 566 1.53 28.60 0.54
N ARG A 567 0.51 27.86 0.95
CA ARG A 567 0.55 26.39 0.97
C ARG A 567 0.92 25.77 -0.38
N ASN A 568 0.33 26.27 -1.45
CA ASN A 568 0.60 25.75 -2.79
C ASN A 568 2.05 25.96 -3.24
N SER A 569 2.71 27.02 -2.77
CA SER A 569 4.13 27.18 -3.08
C SER A 569 4.96 26.22 -2.24
N ALA A 570 4.58 26.06 -0.97
CA ALA A 570 5.26 25.15 -0.04
C ALA A 570 5.23 23.69 -0.52
N TYR A 571 4.17 23.30 -1.21
CA TYR A 571 4.10 22.00 -1.87
C TYR A 571 5.34 21.67 -2.72
N ASN A 572 5.95 22.70 -3.33
CA ASN A 572 7.11 22.52 -4.21
C ASN A 572 8.49 22.53 -3.55
N TYR A 573 8.53 22.56 -2.21
CA TYR A 573 9.80 22.57 -1.48
C TYR A 573 10.15 21.18 -0.97
N TRP A 574 11.45 20.96 -0.83
CA TRP A 574 12.01 19.66 -0.49
C TRP A 574 13.16 19.91 0.46
N VAL A 575 13.44 18.93 1.30
CA VAL A 575 14.46 19.07 2.35
C VAL A 575 15.34 17.81 2.36
N PRO A 576 16.11 17.59 1.27
CA PRO A 576 16.98 16.42 1.26
C PRO A 576 18.12 16.55 2.26
N GLN A 577 18.51 15.42 2.83
CA GLN A 577 19.72 15.35 3.62
C GLN A 577 20.90 15.52 2.68
N LEU A 578 21.94 16.20 3.16
CA LEU A 578 23.14 16.48 2.37
C LEU A 578 24.25 15.54 2.82
N ALA A 579 24.53 14.52 2.01
CA ALA A 579 25.64 13.61 2.29
C ALA A 579 26.96 14.28 1.91
N THR A 580 27.94 14.19 2.80
CA THR A 580 29.31 14.63 2.55
C THR A 580 30.31 13.47 2.54
N ASP A 581 29.86 12.26 2.86
CA ASP A 581 30.75 11.11 3.06
C ASP A 581 30.35 9.96 2.10
N GLY A 582 29.83 10.32 0.93
CA GLY A 582 29.24 9.36 0.01
C GLY A 582 28.07 10.03 -0.72
N THR A 583 27.23 9.22 -1.35
CA THR A 583 26.09 9.72 -2.11
C THR A 583 24.74 9.47 -1.43
N SER A 584 24.71 8.64 -0.39
CA SER A 584 23.46 8.20 0.24
C SER A 584 23.07 9.09 1.43
N PRO A 585 21.76 9.40 1.60
CA PRO A 585 21.34 10.28 2.70
C PRO A 585 21.65 9.79 4.11
N GLY A 586 21.67 8.48 4.34
CA GLY A 586 21.72 7.95 5.69
C GLY A 586 20.36 8.06 6.37
N PHE A 587 20.24 7.44 7.53
CA PHE A 587 18.99 7.48 8.28
C PHE A 587 18.77 8.89 8.82
N SER A 588 17.58 9.13 9.35
CA SER A 588 17.24 10.46 9.89
C SER A 588 17.76 10.64 11.31
N THR A 589 19.09 10.69 11.45
CA THR A 589 19.74 10.92 12.75
C THR A 589 19.84 12.43 12.99
N PRO A 590 20.05 12.86 14.25
CA PRO A 590 20.15 14.30 14.53
C PRO A 590 21.18 15.07 13.68
N GLU A 591 22.38 14.52 13.54
CA GLU A 591 23.42 15.17 12.72
C GLU A 591 23.03 15.26 11.23
N LYS A 592 22.50 14.18 10.68
CA LYS A 592 22.11 14.16 9.26
C LYS A 592 20.82 14.97 8.97
N VAL A 593 19.91 15.03 9.94
CA VAL A 593 18.78 15.97 9.87
C VAL A 593 19.30 17.42 9.83
N ALA A 594 20.12 17.78 10.82
CA ALA A 594 20.67 19.15 10.93
C ALA A 594 21.45 19.56 9.68
N SER A 595 22.10 18.60 9.05
CA SER A 595 22.94 18.80 7.88
C SER A 595 22.18 18.53 6.57
N SER A 596 21.02 19.19 6.41
CA SER A 596 20.15 19.04 5.24
C SER A 596 20.07 20.40 4.54
N ILE A 597 19.63 20.39 3.29
CA ILE A 597 19.44 21.65 2.55
C ILE A 597 17.99 21.77 2.13
N ILE A 598 17.63 22.98 1.70
CA ILE A 598 16.27 23.31 1.28
C ILE A 598 16.26 23.61 -0.20
N VAL A 599 15.45 22.86 -0.94
CA VAL A 599 15.38 22.91 -2.39
C VAL A 599 13.94 23.19 -2.82
N LYS A 600 13.73 24.26 -3.57
CA LYS A 600 12.46 24.45 -4.28
C LYS A 600 12.64 23.84 -5.65
N ALA A 601 11.68 23.01 -6.07
CA ALA A 601 11.78 22.37 -7.36
C ALA A 601 10.38 22.03 -7.86
N GLY A 602 10.18 20.84 -8.43
CA GLY A 602 8.89 20.47 -8.95
C GLY A 602 8.49 19.12 -8.40
N TYR A 603 8.46 18.14 -9.30
CA TYR A 603 7.82 16.86 -9.04
C TYR A 603 8.44 16.11 -7.87
N LEU A 604 9.77 16.07 -7.80
CA LEU A 604 10.48 15.30 -6.77
C LEU A 604 11.94 15.69 -6.64
N VAL A 605 12.42 15.78 -5.41
CA VAL A 605 13.86 15.81 -5.11
C VAL A 605 14.16 14.60 -4.21
N ARG A 606 15.02 13.73 -4.70
CA ARG A 606 15.31 12.46 -4.04
C ARG A 606 16.48 12.62 -3.07
N THR A 607 17.62 13.10 -3.57
CA THR A 607 18.83 13.18 -2.78
C THR A 607 19.66 14.43 -3.06
N ALA A 608 20.64 14.64 -2.19
CA ALA A 608 21.63 15.68 -2.37
C ALA A 608 22.95 15.25 -1.72
N TYR A 609 24.05 15.54 -2.41
CA TYR A 609 25.37 15.36 -1.82
C TYR A 609 26.38 16.40 -2.30
N LEU A 610 27.41 16.59 -1.46
CA LEU A 610 28.49 17.52 -1.69
C LEU A 610 29.74 16.68 -1.93
N LYS A 611 30.41 16.94 -3.06
CA LYS A 611 31.62 16.23 -3.42
C LYS A 611 32.56 17.23 -4.10
N GLY A 612 33.59 17.63 -3.36
CA GLY A 612 34.54 18.63 -3.85
C GLY A 612 33.90 20.00 -3.95
N SER A 613 34.04 20.63 -5.11
CA SER A 613 33.41 21.93 -5.38
C SER A 613 32.00 21.80 -6.01
N GLY A 614 31.41 20.62 -5.98
CA GLY A 614 30.11 20.37 -6.59
C GLY A 614 29.00 20.04 -5.60
N LEU A 615 27.88 20.73 -5.74
CA LEU A 615 26.62 20.34 -5.11
C LEU A 615 25.83 19.50 -6.13
N TYR A 616 25.50 18.26 -5.75
CA TYR A 616 24.79 17.32 -6.60
C TYR A 616 23.39 17.11 -6.06
N LEU A 617 22.39 17.22 -6.92
CA LEU A 617 21.02 16.88 -6.59
C LEU A 617 20.58 15.72 -7.50
N THR A 618 19.82 14.78 -6.96
CA THR A 618 19.04 13.87 -7.81
C THR A 618 17.56 14.20 -7.65
N ALA A 619 16.86 14.26 -8.77
CA ALA A 619 15.48 14.74 -8.80
C ALA A 619 14.77 14.23 -10.03
N ASP A 620 13.45 14.28 -9.99
CA ASP A 620 12.60 13.90 -11.11
C ASP A 620 11.77 15.12 -11.51
N PHE A 621 11.41 15.17 -12.79
CA PHE A 621 10.72 16.33 -13.35
C PHE A 621 9.60 15.89 -14.28
N ASN A 622 8.44 16.51 -14.15
CA ASN A 622 7.30 16.25 -15.05
C ASN A 622 6.86 17.52 -15.80
N ALA A 623 7.67 18.57 -15.71
CA ALA A 623 7.42 19.84 -16.36
C ALA A 623 8.69 20.65 -16.27
N THR A 624 8.78 21.72 -17.05
CA THR A 624 9.96 22.59 -17.00
C THR A 624 9.98 23.25 -15.62
N THR A 625 11.10 23.14 -14.93
CA THR A 625 11.14 23.34 -13.48
C THR A 625 12.19 24.33 -13.08
N SER A 626 11.74 25.36 -12.37
CA SER A 626 12.60 26.35 -11.76
C SER A 626 13.12 25.76 -10.45
N VAL A 627 14.44 25.61 -10.34
CA VAL A 627 15.09 25.01 -9.19
C VAL A 627 15.79 26.08 -8.37
N GLU A 628 15.57 26.08 -7.06
CA GLU A 628 16.31 26.96 -6.14
C GLU A 628 16.89 26.15 -5.00
N VAL A 629 18.08 26.54 -4.55
CA VAL A 629 18.75 25.89 -3.44
C VAL A 629 19.08 26.92 -2.38
N ILE A 630 18.54 26.73 -1.19
CA ILE A 630 18.77 27.62 -0.06
C ILE A 630 19.68 26.87 0.90
N GLY A 631 20.77 27.52 1.30
CA GLY A 631 21.76 26.94 2.18
C GLY A 631 22.80 26.14 1.43
N VAL A 632 23.32 26.71 0.35
CA VAL A 632 24.38 26.07 -0.42
C VAL A 632 25.65 26.13 0.43
N PRO A 633 26.38 25.00 0.53
CA PRO A 633 27.64 25.04 1.28
C PRO A 633 28.66 26.01 0.64
N SER A 634 29.46 26.64 1.51
CA SER A 634 30.44 27.65 1.09
C SER A 634 31.49 27.13 0.10
N THR A 635 31.81 25.83 0.14
CA THR A 635 32.77 25.20 -0.79
C THR A 635 32.22 24.91 -2.20
N ALA A 636 30.91 24.96 -2.41
CA ALA A 636 30.31 24.55 -3.68
C ALA A 636 30.37 25.69 -4.68
N LYS A 637 30.84 25.39 -5.89
CA LYS A 637 30.89 26.35 -6.99
C LYS A 637 30.17 25.88 -8.24
N ASN A 638 29.76 24.63 -8.29
CA ASN A 638 29.09 24.05 -9.44
C ASN A 638 27.85 23.27 -9.00
N LEU A 639 26.76 23.41 -9.76
CA LEU A 639 25.52 22.66 -9.52
C LEU A 639 25.40 21.50 -10.52
N PHE A 640 25.17 20.28 -10.00
CA PHE A 640 24.88 19.12 -10.82
C PHE A 640 23.47 18.63 -10.54
N ILE A 641 22.69 18.40 -11.59
CA ILE A 641 21.36 17.80 -11.48
C ILE A 641 21.37 16.50 -12.29
N ASN A 642 21.14 15.39 -11.60
CA ASN A 642 21.16 14.03 -12.18
C ASN A 642 22.47 13.74 -12.94
N GLY A 643 23.59 14.12 -12.33
CA GLY A 643 24.92 13.94 -12.93
C GLY A 643 25.38 15.02 -13.91
N ASP A 644 24.47 15.82 -14.45
CA ASP A 644 24.78 16.82 -15.48
C ASP A 644 25.02 18.18 -14.84
N LYS A 645 26.16 18.78 -15.16
CA LYS A 645 26.47 20.15 -14.76
C LYS A 645 25.41 21.09 -15.32
N THR A 646 24.96 22.02 -14.48
CA THR A 646 23.83 22.87 -14.80
C THR A 646 24.18 24.29 -14.42
N SER A 647 24.03 25.22 -15.37
CA SER A 647 24.17 26.65 -15.10
C SER A 647 23.30 27.08 -13.93
N HIS A 648 23.88 27.87 -13.04
CA HIS A 648 23.14 28.53 -11.98
C HIS A 648 23.50 30.01 -11.89
N THR A 649 22.57 30.78 -11.34
CA THR A 649 22.83 32.16 -10.97
C THR A 649 22.72 32.25 -9.44
N VAL A 650 23.33 33.26 -8.85
CA VAL A 650 23.23 33.54 -7.43
C VAL A 650 22.60 34.91 -7.27
N ASP A 651 21.47 34.98 -6.55
CA ASP A 651 20.79 36.27 -6.30
C ASP A 651 21.41 37.01 -5.10
N LYS A 652 20.87 38.17 -4.78
CA LYS A 652 21.43 39.03 -3.72
C LYS A 652 21.42 38.44 -2.32
N ASN A 653 20.56 37.45 -2.07
CA ASN A 653 20.43 36.77 -0.77
C ASN A 653 21.08 35.39 -0.71
N GLY A 654 21.92 35.05 -1.70
CA GLY A 654 22.70 33.82 -1.68
C GLY A 654 21.99 32.56 -2.18
N ILE A 655 20.84 32.74 -2.81
CA ILE A 655 20.04 31.62 -3.31
C ILE A 655 20.53 31.28 -4.72
N TRP A 656 20.92 30.02 -4.94
CA TRP A 656 21.25 29.50 -6.27
C TRP A 656 19.97 29.20 -7.06
N SER A 657 19.94 29.55 -8.35
CA SER A 657 18.80 29.28 -9.22
C SER A 657 19.24 28.60 -10.50
N ALA A 658 18.39 27.73 -11.03
CA ALA A 658 18.64 27.05 -12.29
C ALA A 658 17.33 26.58 -12.89
N THR A 659 17.34 26.33 -14.19
CA THR A 659 16.17 25.82 -14.89
C THR A 659 16.49 24.42 -15.42
N VAL A 660 15.59 23.48 -15.17
CA VAL A 660 15.66 22.15 -15.78
C VAL A 660 14.57 22.07 -16.82
N ASP A 661 14.96 21.87 -18.08
CA ASP A 661 14.01 21.78 -19.19
C ASP A 661 13.38 20.39 -19.28
N TYR A 662 12.08 20.37 -19.57
CA TYR A 662 11.31 19.17 -19.73
C TYR A 662 10.83 19.14 -21.17
N ASN A 663 11.32 18.17 -21.94
CA ASN A 663 10.86 17.95 -23.30
C ASN A 663 10.64 16.46 -23.47
N ALA A 664 9.37 16.05 -23.32
CA ALA A 664 8.98 14.63 -23.34
C ALA A 664 9.36 14.01 -24.67
N PRO A 665 9.96 12.81 -24.65
CA PRO A 665 10.29 12.18 -25.93
C PRO A 665 9.07 11.53 -26.56
N ASP A 666 9.16 11.19 -27.83
CA ASP A 666 8.11 10.42 -28.51
C ASP A 666 8.04 9.03 -27.88
N ILE A 667 6.86 8.72 -27.34
CA ILE A 667 6.58 7.41 -26.76
C ILE A 667 5.78 6.68 -27.82
N SER A 668 6.38 5.63 -28.37
CA SER A 668 5.85 4.91 -29.52
C SER A 668 5.37 3.55 -29.04
N LEU A 669 4.06 3.42 -28.78
CA LEU A 669 3.47 2.16 -28.27
C LEU A 669 2.75 1.39 -29.37
N PRO A 670 3.00 0.07 -29.45
CA PRO A 670 2.37 -0.72 -30.51
C PRO A 670 0.86 -0.87 -30.32
N SER A 671 0.14 -0.99 -31.43
CA SER A 671 -1.30 -1.20 -31.40
C SER A 671 -1.54 -2.67 -31.14
N LEU A 672 -2.09 -2.98 -29.96
CA LEU A 672 -2.23 -4.36 -29.54
C LEU A 672 -3.18 -5.15 -30.45
N LYS A 673 -4.19 -4.50 -31.03
CA LYS A 673 -5.08 -5.19 -31.96
C LYS A 673 -4.40 -5.61 -33.27
N ASP A 674 -3.34 -4.91 -33.68
CA ASP A 674 -2.62 -5.22 -34.92
C ASP A 674 -1.49 -6.26 -34.78
N LEU A 675 -1.32 -6.85 -33.60
CA LEU A 675 -0.27 -7.85 -33.38
C LEU A 675 -0.62 -9.18 -34.05
N ASP A 676 0.37 -10.06 -34.17
CA ASP A 676 0.14 -11.36 -34.78
C ASP A 676 -0.38 -12.32 -33.71
N TRP A 677 -1.67 -12.19 -33.40
CA TRP A 677 -2.31 -13.00 -32.36
C TRP A 677 -2.53 -14.45 -32.77
N LYS A 678 -2.07 -15.36 -31.93
CA LYS A 678 -2.28 -16.79 -32.11
C LYS A 678 -3.19 -17.34 -31.02
N TYR A 679 -4.17 -18.15 -31.43
CA TYR A 679 -5.20 -18.71 -30.56
C TYR A 679 -5.06 -20.21 -30.40
N VAL A 680 -5.35 -20.70 -29.20
CA VAL A 680 -5.57 -22.12 -28.95
C VAL A 680 -6.74 -22.29 -27.99
N ASP A 681 -7.51 -23.35 -28.20
CA ASP A 681 -8.68 -23.65 -27.35
C ASP A 681 -8.15 -24.12 -26.00
N THR A 682 -8.50 -23.38 -24.94
CA THR A 682 -8.05 -23.77 -23.59
C THR A 682 -9.17 -24.38 -22.74
N LEU A 683 -10.17 -24.94 -23.41
CA LEU A 683 -11.11 -25.86 -22.78
C LEU A 683 -11.32 -27.09 -23.68
N PRO A 684 -10.23 -27.83 -23.99
CA PRO A 684 -10.37 -29.11 -24.72
C PRO A 684 -11.13 -30.20 -23.95
N GLU A 685 -11.32 -29.98 -22.64
CA GLU A 685 -12.04 -30.90 -21.76
C GLU A 685 -13.46 -31.21 -22.26
N ILE A 686 -14.09 -30.23 -22.91
CA ILE A 686 -15.45 -30.41 -23.44
C ILE A 686 -15.53 -31.04 -24.86
N GLN A 687 -14.39 -31.43 -25.42
CA GLN A 687 -14.36 -32.25 -26.64
C GLN A 687 -14.47 -33.72 -26.23
N SER A 688 -15.19 -34.50 -27.05
CA SER A 688 -15.48 -35.89 -26.73
C SER A 688 -14.26 -36.83 -26.78
N SER A 689 -13.18 -36.39 -27.43
CA SER A 689 -11.92 -37.12 -27.40
C SER A 689 -11.05 -36.89 -26.14
N TYR A 690 -11.41 -35.95 -25.27
CA TYR A 690 -10.52 -35.62 -24.15
C TYR A 690 -10.39 -36.77 -23.19
N ASP A 691 -9.14 -37.04 -22.80
CA ASP A 691 -8.77 -38.12 -21.91
C ASP A 691 -8.28 -37.51 -20.60
N ASP A 692 -9.01 -37.73 -19.51
CA ASP A 692 -8.63 -37.17 -18.22
C ASP A 692 -8.01 -38.21 -17.28
N SER A 693 -7.48 -39.29 -17.84
CA SER A 693 -6.98 -40.43 -17.07
C SER A 693 -5.84 -40.08 -16.11
N LEU A 694 -5.06 -39.06 -16.43
CA LEU A 694 -3.98 -38.59 -15.55
C LEU A 694 -4.41 -37.53 -14.53
N TRP A 695 -5.66 -37.07 -14.59
CA TRP A 695 -6.15 -36.08 -13.60
C TRP A 695 -6.25 -36.70 -12.21
N PRO A 696 -5.97 -35.91 -11.16
CA PRO A 696 -6.27 -36.39 -9.79
C PRO A 696 -7.76 -36.69 -9.58
N ALA A 697 -8.04 -37.84 -9.00
CA ALA A 697 -9.39 -38.23 -8.63
C ALA A 697 -9.83 -37.48 -7.37
N ALA A 698 -11.06 -36.95 -7.37
CA ALA A 698 -11.66 -36.35 -6.18
C ALA A 698 -12.41 -37.43 -5.41
N ASP A 699 -11.64 -38.35 -4.83
CA ASP A 699 -12.18 -39.56 -4.20
C ASP A 699 -11.93 -39.67 -2.69
N LEU A 700 -11.56 -38.56 -2.04
CA LEU A 700 -11.47 -38.54 -0.57
C LEU A 700 -12.84 -38.64 0.08
N LYS A 701 -13.06 -39.74 0.80
CA LYS A 701 -14.33 -39.96 1.51
C LYS A 701 -14.52 -39.04 2.72
N GLN A 702 -13.42 -38.58 3.32
CA GLN A 702 -13.43 -37.63 4.42
C GLN A 702 -12.71 -36.36 4.00
N THR A 703 -13.26 -35.21 4.34
CA THR A 703 -12.51 -33.96 4.25
C THR A 703 -11.57 -33.82 5.44
N LYS A 704 -10.45 -33.15 5.19
CA LYS A 704 -9.58 -32.69 6.27
C LYS A 704 -9.93 -31.25 6.72
N ASN A 705 -10.96 -30.65 6.11
CA ASN A 705 -11.45 -29.34 6.48
C ASN A 705 -12.34 -29.40 7.73
N THR A 706 -11.89 -28.80 8.83
CA THR A 706 -12.65 -28.81 10.09
C THR A 706 -13.86 -27.86 10.10
N LEU A 707 -13.92 -26.90 9.19
CA LEU A 707 -14.97 -25.88 9.19
C LEU A 707 -16.32 -26.40 8.65
N ARG A 708 -16.26 -27.22 7.60
CA ARG A 708 -17.46 -27.70 6.92
C ARG A 708 -17.29 -29.16 6.55
N SER A 709 -18.07 -30.02 7.19
CA SER A 709 -18.08 -31.44 6.83
C SER A 709 -18.76 -31.64 5.47
N LEU A 710 -18.51 -32.80 4.86
CA LEU A 710 -18.98 -33.04 3.50
C LEU A 710 -20.50 -33.22 3.46
N THR A 711 -21.10 -32.69 2.39
CA THR A 711 -22.50 -32.97 2.02
C THR A 711 -22.58 -33.67 0.65
N THR A 712 -21.44 -34.19 0.19
CA THR A 712 -21.31 -34.99 -1.03
C THR A 712 -20.57 -36.27 -0.65
N PRO A 713 -20.68 -37.32 -1.47
CA PRO A 713 -20.01 -38.59 -1.09
C PRO A 713 -18.48 -38.48 -0.92
N THR A 714 -17.84 -37.67 -1.77
CA THR A 714 -16.40 -37.41 -1.69
C THR A 714 -16.17 -35.91 -1.67
N SER A 715 -14.99 -35.52 -1.19
CA SER A 715 -14.63 -34.11 -1.09
C SER A 715 -14.43 -33.54 -2.48
N LEU A 716 -15.14 -32.46 -2.76
CA LEU A 716 -14.91 -31.67 -3.95
C LEU A 716 -14.37 -30.29 -3.57
N TYR A 717 -13.76 -30.19 -2.38
CA TYR A 717 -13.06 -29.00 -1.92
C TYR A 717 -11.68 -29.00 -2.57
N SER A 718 -11.35 -27.92 -3.32
CA SER A 718 -10.08 -27.84 -4.04
C SER A 718 -8.84 -27.99 -3.15
N SER A 719 -8.85 -27.32 -1.99
CA SER A 719 -7.69 -27.35 -1.07
C SER A 719 -7.40 -28.71 -0.40
N ASP A 720 -8.40 -29.58 -0.32
CA ASP A 720 -8.14 -30.99 0.08
C ASP A 720 -7.16 -31.71 -0.87
N TYR A 721 -7.08 -31.27 -2.13
CA TYR A 721 -6.15 -31.84 -3.11
C TYR A 721 -5.00 -30.86 -3.48
N GLY A 722 -4.76 -29.86 -2.64
CA GLY A 722 -3.67 -28.92 -2.83
C GLY A 722 -3.83 -27.90 -3.93
N PHE A 723 -5.06 -27.63 -4.35
CA PHE A 723 -5.36 -26.57 -5.33
C PHE A 723 -6.01 -25.37 -4.66
N HIS A 724 -5.29 -24.24 -4.62
CA HIS A 724 -5.73 -23.07 -3.84
C HIS A 724 -5.94 -21.78 -4.63
N THR A 725 -5.71 -21.80 -5.94
CA THR A 725 -5.56 -20.57 -6.71
C THR A 725 -6.01 -20.71 -8.16
N GLY A 726 -6.51 -19.63 -8.74
CA GLY A 726 -6.84 -19.59 -10.15
C GLY A 726 -8.06 -20.39 -10.50
N TYR A 727 -8.26 -20.63 -11.79
CA TYR A 727 -9.41 -21.36 -12.28
C TYR A 727 -9.32 -22.84 -11.86
N LEU A 728 -10.45 -23.40 -11.43
CA LEU A 728 -10.56 -24.79 -11.01
C LEU A 728 -11.48 -25.53 -11.98
N LEU A 729 -11.08 -26.72 -12.39
CA LEU A 729 -11.90 -27.55 -13.26
C LEU A 729 -12.29 -28.84 -12.56
N TYR A 730 -13.58 -29.19 -12.61
CA TYR A 730 -14.07 -30.48 -12.12
C TYR A 730 -14.70 -31.26 -13.28
N ARG A 731 -14.47 -32.57 -13.30
CA ARG A 731 -15.01 -33.47 -14.31
C ARG A 731 -15.71 -34.65 -13.65
N GLY A 732 -17.02 -34.78 -13.87
CA GLY A 732 -17.85 -35.81 -13.25
C GLY A 732 -18.33 -36.86 -14.24
N HIS A 733 -17.86 -38.10 -14.06
CA HIS A 733 -18.20 -39.22 -14.95
C HIS A 733 -19.42 -39.99 -14.44
N PHE A 734 -20.37 -40.25 -15.33
CA PHE A 734 -21.47 -41.17 -15.01
C PHE A 734 -21.93 -41.94 -16.24
N THR A 735 -22.55 -43.10 -15.99
CA THR A 735 -23.24 -43.84 -17.03
C THR A 735 -24.73 -43.47 -16.97
N ALA A 736 -25.29 -43.05 -18.10
CA ALA A 736 -26.68 -42.61 -18.15
C ALA A 736 -27.66 -43.80 -18.13
N THR A 737 -28.75 -43.64 -17.39
CA THR A 737 -29.94 -44.51 -17.53
C THR A 737 -30.76 -44.18 -18.77
N GLY A 738 -30.69 -42.93 -19.22
CA GLY A 738 -31.48 -42.43 -20.34
C GLY A 738 -32.64 -41.55 -19.88
N ASN A 739 -32.91 -41.56 -18.57
CA ASN A 739 -34.05 -40.85 -18.01
C ASN A 739 -33.66 -39.62 -17.18
N GLU A 740 -32.41 -39.19 -17.27
CA GLU A 740 -31.92 -38.02 -16.51
C GLU A 740 -32.52 -36.76 -17.12
N SER A 741 -32.95 -35.84 -16.27
CA SER A 741 -33.68 -34.65 -16.68
C SER A 741 -32.90 -33.37 -16.39
N THR A 742 -32.48 -33.22 -15.13
CA THR A 742 -31.75 -32.06 -14.66
C THR A 742 -30.49 -32.44 -13.87
N PHE A 743 -29.62 -31.45 -13.69
CA PHE A 743 -28.41 -31.57 -12.88
C PHE A 743 -28.25 -30.28 -12.08
N ALA A 744 -28.34 -30.40 -10.75
CA ALA A 744 -28.18 -29.28 -9.84
C ALA A 744 -26.77 -29.25 -9.26
N ILE A 745 -26.25 -28.05 -8.98
CA ILE A 745 -24.89 -27.89 -8.45
C ILE A 745 -24.71 -26.57 -7.66
N ASP A 746 -24.13 -26.69 -6.46
CA ASP A 746 -23.73 -25.54 -5.62
C ASP A 746 -22.23 -25.37 -5.82
N THR A 747 -21.84 -24.28 -6.46
CA THR A 747 -20.43 -23.97 -6.66
C THR A 747 -20.05 -22.80 -5.75
N GLN A 748 -18.78 -22.74 -5.34
CA GLN A 748 -18.31 -21.70 -4.42
C GLN A 748 -16.91 -21.25 -4.80
N GLY A 749 -16.78 -19.99 -5.18
CA GLY A 749 -15.49 -19.37 -5.53
C GLY A 749 -15.10 -18.10 -4.76
N GLY A 750 -15.98 -17.63 -3.87
CA GLY A 750 -15.79 -16.33 -3.22
C GLY A 750 -16.58 -15.26 -3.94
N SER A 751 -16.74 -14.10 -3.28
CA SER A 751 -17.48 -12.97 -3.84
C SER A 751 -17.12 -12.65 -5.29
N ALA A 752 -18.14 -12.51 -6.14
CA ALA A 752 -17.98 -12.21 -7.57
C ALA A 752 -17.42 -13.34 -8.42
N PHE A 753 -17.40 -14.56 -7.87
CA PHE A 753 -16.99 -15.71 -8.68
C PHE A 753 -18.01 -16.02 -9.77
N GLY A 754 -17.60 -16.86 -10.70
CA GLY A 754 -18.47 -17.35 -11.74
C GLY A 754 -18.17 -18.81 -11.99
N SER A 755 -19.12 -19.50 -12.60
CA SER A 755 -18.93 -20.86 -13.05
C SER A 755 -19.72 -21.15 -14.31
N SER A 756 -19.25 -22.14 -15.07
CA SER A 756 -19.91 -22.60 -16.30
C SER A 756 -19.92 -24.12 -16.27
N VAL A 757 -20.95 -24.73 -16.87
CA VAL A 757 -21.11 -26.18 -16.83
C VAL A 757 -21.46 -26.73 -18.20
N TRP A 758 -20.82 -27.85 -18.54
CA TRP A 758 -21.06 -28.57 -19.80
C TRP A 758 -21.38 -30.03 -19.52
N LEU A 759 -22.28 -30.61 -20.32
CA LEU A 759 -22.48 -32.05 -20.39
C LEU A 759 -21.86 -32.49 -21.71
N ASN A 760 -20.74 -33.18 -21.64
CA ASN A 760 -19.89 -33.43 -22.81
C ASN A 760 -19.67 -32.10 -23.56
N GLY A 761 -20.00 -32.02 -24.84
CA GLY A 761 -19.87 -30.77 -25.57
C GLY A 761 -21.02 -29.80 -25.38
N THR A 762 -22.11 -30.21 -24.73
CA THR A 762 -23.32 -29.39 -24.64
C THR A 762 -23.26 -28.40 -23.49
N TYR A 763 -23.25 -27.11 -23.83
CA TYR A 763 -23.30 -26.03 -22.84
C TYR A 763 -24.63 -26.08 -22.09
N LEU A 764 -24.56 -26.17 -20.76
CA LEU A 764 -25.75 -26.17 -19.89
C LEU A 764 -26.11 -24.79 -19.38
N GLY A 765 -25.11 -23.99 -19.04
CA GLY A 765 -25.34 -22.63 -18.54
C GLY A 765 -24.20 -22.17 -17.67
N SER A 766 -24.30 -20.93 -17.20
CA SER A 766 -23.30 -20.34 -16.33
C SER A 766 -23.94 -19.57 -15.20
N TRP A 767 -23.24 -19.48 -14.07
CA TRP A 767 -23.50 -18.43 -13.10
C TRP A 767 -22.52 -17.29 -13.40
N THR A 768 -23.06 -16.16 -13.84
CA THR A 768 -22.23 -15.05 -14.33
C THR A 768 -21.62 -14.22 -13.22
N GLY A 769 -22.17 -14.32 -12.02
CA GLY A 769 -21.52 -13.80 -10.83
C GLY A 769 -22.04 -12.45 -10.37
N LEU A 770 -22.02 -12.26 -9.06
CA LEU A 770 -22.33 -10.99 -8.42
C LEU A 770 -21.43 -10.85 -7.21
N TYR A 771 -21.06 -9.62 -6.86
CA TYR A 771 -20.30 -9.37 -5.65
C TYR A 771 -21.00 -9.96 -4.41
N ALA A 772 -22.33 -9.87 -4.38
CA ALA A 772 -23.14 -10.38 -3.26
C ALA A 772 -23.17 -11.92 -3.09
N ASN A 773 -22.73 -12.67 -4.10
CA ASN A 773 -22.69 -14.14 -4.06
C ASN A 773 -21.27 -14.66 -4.01
N SER A 774 -20.94 -15.38 -2.93
CA SER A 774 -19.71 -16.16 -2.87
C SER A 774 -19.93 -17.64 -3.21
N ASP A 775 -21.19 -18.06 -3.19
CA ASP A 775 -21.61 -19.36 -3.74
C ASP A 775 -22.92 -19.17 -4.51
N TYR A 776 -23.30 -20.20 -5.27
CA TYR A 776 -24.53 -20.14 -6.06
C TYR A 776 -25.09 -21.53 -6.34
N ASN A 777 -26.40 -21.66 -6.22
CA ASN A 777 -27.14 -22.90 -6.53
C ASN A 777 -27.82 -22.82 -7.88
N ALA A 778 -27.43 -23.69 -8.82
CA ALA A 778 -28.06 -23.73 -10.14
C ALA A 778 -28.63 -25.10 -10.42
N THR A 779 -29.78 -25.13 -11.07
CA THR A 779 -30.35 -26.34 -11.64
C THR A 779 -30.33 -26.15 -13.15
N TYR A 780 -29.63 -27.04 -13.85
CA TYR A 780 -29.51 -26.97 -15.31
C TYR A 780 -30.30 -28.11 -15.92
N ASN A 781 -30.91 -27.85 -17.07
CA ASN A 781 -31.62 -28.88 -17.82
C ASN A 781 -30.66 -29.66 -18.70
N LEU A 782 -30.77 -30.97 -18.68
CA LEU A 782 -29.91 -31.83 -19.49
C LEU A 782 -30.55 -32.07 -20.84
N PRO A 783 -29.73 -32.33 -21.87
CA PRO A 783 -30.31 -32.83 -23.11
C PRO A 783 -30.65 -34.31 -22.95
N GLN A 784 -31.43 -34.84 -23.88
CA GLN A 784 -31.74 -36.27 -23.93
C GLN A 784 -30.43 -37.07 -23.96
N LEU A 785 -30.30 -38.02 -23.03
CA LEU A 785 -29.15 -38.89 -22.93
C LEU A 785 -29.49 -40.31 -23.41
N GLN A 786 -28.49 -41.01 -23.93
CA GLN A 786 -28.61 -42.40 -24.39
C GLN A 786 -28.28 -43.39 -23.26
N ALA A 787 -29.17 -44.36 -23.04
CA ALA A 787 -28.98 -45.36 -21.98
C ALA A 787 -27.70 -46.18 -22.20
N GLY A 788 -26.91 -46.31 -21.13
CA GLY A 788 -25.67 -47.10 -21.15
C GLY A 788 -24.41 -46.35 -21.56
N LYS A 789 -24.56 -45.20 -22.22
CA LYS A 789 -23.41 -44.38 -22.62
C LYS A 789 -22.85 -43.60 -21.42
N THR A 790 -21.53 -43.38 -21.42
CA THR A 790 -20.87 -42.56 -20.41
C THR A 790 -20.85 -41.08 -20.82
N TYR A 791 -21.04 -40.21 -19.85
CA TYR A 791 -20.97 -38.77 -20.06
C TYR A 791 -20.08 -38.15 -19.00
N VAL A 792 -19.56 -36.96 -19.32
CA VAL A 792 -18.71 -36.22 -18.39
C VAL A 792 -19.23 -34.79 -18.26
N ILE A 793 -19.48 -34.40 -17.03
CA ILE A 793 -19.88 -33.03 -16.71
C ILE A 793 -18.60 -32.26 -16.40
N THR A 794 -18.34 -31.22 -17.17
CA THR A 794 -17.18 -30.37 -16.95
C THR A 794 -17.65 -29.06 -16.33
N VAL A 795 -17.07 -28.74 -15.18
CA VAL A 795 -17.42 -27.55 -14.41
C VAL A 795 -16.17 -26.68 -14.26
N VAL A 796 -16.24 -25.43 -14.71
CA VAL A 796 -15.18 -24.45 -14.54
C VAL A 796 -15.63 -23.47 -13.45
N ILE A 797 -14.77 -23.20 -12.47
CA ILE A 797 -15.06 -22.30 -11.34
C ILE A 797 -13.92 -21.30 -11.14
N ASP A 798 -14.26 -20.02 -11.05
CA ASP A 798 -13.32 -18.95 -10.73
C ASP A 798 -13.09 -18.92 -9.22
N ASN A 799 -11.90 -19.31 -8.77
CA ASN A 799 -11.51 -19.12 -7.38
C ASN A 799 -11.01 -17.68 -7.28
N MET A 800 -11.74 -16.85 -6.55
CA MET A 800 -11.39 -15.43 -6.40
C MET A 800 -10.31 -15.21 -5.34
N GLY A 801 -9.92 -16.27 -4.63
CA GLY A 801 -8.92 -16.22 -3.57
C GLY A 801 -9.54 -16.82 -2.32
N LEU A 802 -8.70 -17.11 -1.33
CA LEU A 802 -9.19 -17.66 -0.07
C LEU A 802 -9.56 -16.52 0.87
N GLU A 803 -10.61 -16.73 1.66
CA GLU A 803 -11.08 -15.75 2.65
C GLU A 803 -10.01 -15.40 3.69
N GLU A 804 -10.16 -14.22 4.28
CA GLU A 804 -9.38 -13.82 5.45
C GLU A 804 -9.86 -14.55 6.71
N ASN A 805 -9.18 -14.30 7.84
CA ASN A 805 -9.43 -15.02 9.10
C ASN A 805 -9.32 -14.01 10.26
N TRP A 806 -10.04 -12.90 10.12
CA TRP A 806 -9.90 -11.77 11.02
C TRP A 806 -10.28 -12.09 12.47
N THR A 807 -11.39 -12.80 12.66
CA THR A 807 -11.83 -13.22 13.99
C THR A 807 -11.25 -14.59 14.38
N VAL A 808 -10.54 -14.62 15.52
CA VAL A 808 -9.89 -15.83 16.02
C VAL A 808 -10.95 -16.82 16.51
N GLY A 809 -10.92 -18.05 16.01
CA GLY A 809 -11.94 -19.05 16.32
C GLY A 809 -12.97 -19.29 15.21
N GLU A 810 -13.21 -18.29 14.36
CA GLU A 810 -14.20 -18.45 13.30
C GLU A 810 -13.68 -19.30 12.15
N ASP A 811 -12.35 -19.35 11.98
CA ASP A 811 -11.69 -20.20 10.99
C ASP A 811 -12.15 -19.95 9.56
N LEU A 812 -12.51 -18.69 9.24
CA LEU A 812 -13.13 -18.38 7.95
C LEU A 812 -12.18 -18.57 6.77
N MET A 813 -10.88 -18.49 7.00
CA MET A 813 -9.89 -18.83 5.96
C MET A 813 -10.07 -20.26 5.42
N LYS A 814 -10.62 -21.16 6.23
CA LYS A 814 -10.97 -22.52 5.79
C LYS A 814 -12.19 -22.64 4.86
N THR A 815 -12.91 -21.53 4.61
CA THR A 815 -14.05 -21.54 3.68
C THR A 815 -13.62 -22.23 2.37
N PRO A 816 -14.23 -23.39 2.06
CA PRO A 816 -13.74 -24.13 0.91
C PRO A 816 -14.09 -23.51 -0.44
N ARG A 817 -13.39 -23.97 -1.47
CA ARG A 817 -13.65 -23.60 -2.84
C ARG A 817 -13.91 -24.87 -3.63
N GLY A 818 -14.85 -24.80 -4.58
CA GLY A 818 -15.20 -25.93 -5.44
C GLY A 818 -16.69 -26.22 -5.43
N ILE A 819 -17.03 -27.50 -5.30
CA ILE A 819 -18.42 -27.96 -5.36
C ILE A 819 -18.85 -28.42 -3.97
N LEU A 820 -19.91 -27.80 -3.46
CA LEU A 820 -20.43 -28.07 -2.12
C LEU A 820 -21.53 -29.12 -2.15
N ASN A 821 -22.37 -29.07 -3.17
CA ASN A 821 -23.46 -30.03 -3.36
C ASN A 821 -23.69 -30.25 -4.84
N PHE A 822 -24.21 -31.42 -5.18
CA PHE A 822 -24.76 -31.65 -6.50
C PHE A 822 -25.85 -32.72 -6.40
N LEU A 823 -26.74 -32.74 -7.38
CA LEU A 823 -27.78 -33.75 -7.47
C LEU A 823 -28.12 -33.96 -8.94
N LEU A 824 -27.90 -35.19 -9.41
CA LEU A 824 -28.33 -35.62 -10.75
C LEU A 824 -29.69 -36.30 -10.58
N ALA A 825 -30.73 -35.70 -11.14
CA ALA A 825 -32.13 -36.08 -10.82
C ALA A 825 -32.38 -37.57 -11.07
N GLY A 826 -32.94 -38.24 -10.06
CA GLY A 826 -33.24 -39.66 -10.15
C GLY A 826 -32.04 -40.58 -10.04
N ARG A 827 -30.86 -40.04 -9.71
CA ARG A 827 -29.64 -40.85 -9.57
C ARG A 827 -29.01 -40.61 -8.21
N PRO A 828 -28.45 -41.65 -7.59
CA PRO A 828 -27.71 -41.41 -6.36
C PRO A 828 -26.46 -40.60 -6.65
N SER A 829 -25.98 -39.88 -5.66
CA SER A 829 -24.82 -39.03 -5.82
C SER A 829 -23.54 -39.80 -6.18
N SER A 830 -23.42 -41.03 -5.69
CA SER A 830 -22.28 -41.89 -6.01
C SER A 830 -22.26 -42.36 -7.47
N ALA A 831 -23.33 -42.13 -8.23
CA ALA A 831 -23.31 -42.38 -9.67
C ALA A 831 -22.30 -41.51 -10.45
N ILE A 832 -21.90 -40.37 -9.89
CA ILE A 832 -20.87 -39.53 -10.49
C ILE A 832 -19.51 -39.76 -9.79
N SER A 833 -18.47 -40.09 -10.57
CA SER A 833 -17.08 -40.15 -10.08
C SER A 833 -16.35 -38.93 -10.57
N TRP A 834 -15.77 -38.17 -9.65
CA TRP A 834 -15.22 -36.85 -9.98
C TRP A 834 -13.70 -36.85 -10.11
N LYS A 835 -13.22 -36.05 -11.06
CA LYS A 835 -11.82 -35.65 -11.16
C LYS A 835 -11.75 -34.15 -11.04
N LEU A 836 -10.58 -33.65 -10.66
CA LEU A 836 -10.38 -32.21 -10.55
C LEU A 836 -8.96 -31.81 -10.87
N THR A 837 -8.81 -30.54 -11.22
CA THR A 837 -7.51 -29.88 -11.21
C THR A 837 -7.61 -28.39 -10.98
N GLY A 838 -6.55 -27.87 -10.36
CA GLY A 838 -6.22 -26.46 -10.33
C GLY A 838 -4.87 -26.35 -11.02
N ASN A 839 -4.02 -25.45 -10.53
CA ASN A 839 -2.66 -25.30 -11.08
C ASN A 839 -1.92 -26.64 -11.09
N LEU A 840 -1.17 -26.90 -12.17
CA LEU A 840 -0.49 -28.18 -12.34
C LEU A 840 0.46 -28.47 -11.18
N GLY A 841 0.30 -29.65 -10.58
CA GLY A 841 1.10 -30.06 -9.44
C GLY A 841 0.53 -29.66 -8.10
N GLY A 842 -0.46 -28.77 -8.09
CA GLY A 842 -1.00 -28.22 -6.84
C GLY A 842 0.05 -27.52 -6.01
N GLU A 843 0.34 -28.08 -4.84
CA GLU A 843 1.35 -27.54 -3.91
C GLU A 843 2.79 -27.79 -4.40
N ASP A 844 2.98 -28.84 -5.20
CA ASP A 844 4.19 -29.00 -6.02
C ASP A 844 4.04 -28.17 -7.27
N TYR A 845 4.00 -26.86 -7.08
CA TYR A 845 3.67 -25.90 -8.14
C TYR A 845 4.86 -25.77 -9.09
N GLU A 846 4.54 -25.61 -10.37
CA GLU A 846 5.55 -25.64 -11.43
C GLU A 846 6.54 -24.46 -11.41
N ASP A 847 6.01 -23.26 -11.20
CA ASP A 847 6.77 -22.03 -11.42
C ASP A 847 7.38 -21.47 -10.12
N LYS A 848 8.60 -21.93 -9.80
CA LYS A 848 9.30 -21.47 -8.59
C LYS A 848 9.75 -20.00 -8.69
N VAL A 849 9.81 -19.45 -9.90
CA VAL A 849 10.18 -18.04 -10.08
C VAL A 849 8.99 -17.13 -9.75
N ARG A 850 7.85 -17.41 -10.38
CA ARG A 850 6.69 -16.52 -10.27
C ARG A 850 5.81 -16.81 -9.04
N GLY A 851 6.09 -17.92 -8.37
CA GLY A 851 5.44 -18.23 -7.10
C GLY A 851 4.23 -19.12 -7.22
N PRO A 852 3.65 -19.50 -6.07
CA PRO A 852 2.63 -20.55 -6.00
C PRO A 852 1.21 -20.14 -6.42
N LEU A 853 0.94 -18.85 -6.59
CA LEU A 853 -0.44 -18.38 -6.87
C LEU A 853 -0.71 -17.91 -8.30
N ASN A 854 0.35 -17.64 -9.06
CA ASN A 854 0.28 -16.94 -10.35
C ASN A 854 -0.56 -17.64 -11.42
N GLU A 855 -0.54 -18.97 -11.47
CA GLU A 855 -1.24 -19.69 -12.54
C GLU A 855 -2.34 -20.59 -11.96
N GLY A 856 -3.45 -20.70 -12.69
CA GLY A 856 -4.57 -21.56 -12.34
C GLY A 856 -4.57 -22.84 -13.16
N GLY A 857 -5.73 -23.46 -13.27
CA GLY A 857 -5.86 -24.81 -13.83
C GLY A 857 -6.29 -25.00 -15.28
N LEU A 858 -6.38 -23.92 -16.05
CA LEU A 858 -6.72 -24.04 -17.48
C LEU A 858 -5.62 -24.82 -18.21
N TYR A 859 -6.02 -25.59 -19.21
CA TYR A 859 -5.09 -26.34 -20.06
C TYR A 859 -3.84 -25.54 -20.44
N ALA A 860 -4.06 -24.36 -21.01
CA ALA A 860 -2.98 -23.47 -21.43
C ALA A 860 -2.04 -23.02 -20.29
N GLU A 861 -2.58 -22.85 -19.09
CA GLU A 861 -1.77 -22.54 -17.90
C GLU A 861 -1.00 -23.77 -17.41
N ARG A 862 -1.66 -24.93 -17.42
CA ARG A 862 -1.03 -26.20 -17.02
C ARG A 862 0.16 -26.52 -17.93
N GLN A 863 0.00 -26.28 -19.23
CA GLN A 863 1.05 -26.49 -20.21
C GLN A 863 2.20 -25.47 -20.16
N GLY A 864 1.99 -24.34 -19.49
CA GLY A 864 2.99 -23.27 -19.43
C GLY A 864 2.95 -22.31 -20.61
N PHE A 865 1.86 -22.35 -21.39
CA PHE A 865 1.73 -21.50 -22.60
C PHE A 865 1.65 -19.99 -22.31
N HIS A 866 1.31 -19.61 -21.08
CA HIS A 866 1.31 -18.20 -20.63
C HIS A 866 2.67 -17.52 -20.52
N GLN A 867 3.74 -18.29 -20.63
CA GLN A 867 5.11 -17.79 -20.54
C GLN A 867 5.64 -17.34 -21.90
N PRO A 868 6.74 -16.55 -21.93
CA PRO A 868 7.39 -16.17 -23.18
C PRO A 868 7.70 -17.34 -24.14
N GLU A 869 7.48 -17.10 -25.43
CA GLU A 869 7.79 -18.03 -26.52
C GLU A 869 7.04 -19.35 -26.39
N PRO A 870 5.69 -19.30 -26.39
CA PRO A 870 4.92 -20.54 -26.40
C PRO A 870 5.07 -21.26 -27.74
N PRO A 871 4.67 -22.55 -27.83
CA PRO A 871 4.81 -23.33 -29.07
C PRO A 871 3.65 -23.07 -30.01
N SER A 872 3.54 -21.84 -30.48
CA SER A 872 2.36 -21.37 -31.19
C SER A 872 2.49 -21.31 -32.71
N GLN A 873 3.58 -21.87 -33.26
CA GLN A 873 3.84 -21.88 -34.71
C GLN A 873 2.61 -22.25 -35.55
N ASN A 874 2.01 -23.40 -35.23
CA ASN A 874 0.91 -23.95 -36.02
C ASN A 874 -0.47 -23.70 -35.42
N TRP A 875 -0.56 -22.79 -34.45
CA TRP A 875 -1.85 -22.37 -33.88
C TRP A 875 -2.58 -21.50 -34.89
N LYS A 876 -3.90 -21.43 -34.75
CA LYS A 876 -4.74 -20.62 -35.61
C LYS A 876 -4.44 -19.13 -35.38
N SER A 877 -4.60 -18.31 -36.43
CA SER A 877 -4.45 -16.85 -36.33
C SER A 877 -5.79 -16.21 -35.96
N SER A 878 -5.95 -15.87 -34.69
CA SER A 878 -7.16 -15.24 -34.18
C SER A 878 -6.86 -14.38 -32.96
N SER A 879 -7.68 -13.34 -32.76
CA SER A 879 -7.43 -12.28 -31.80
C SER A 879 -8.53 -12.24 -30.71
N PRO A 880 -8.23 -11.73 -29.50
CA PRO A 880 -9.31 -11.54 -28.53
C PRO A 880 -10.39 -10.53 -28.96
N LEU A 881 -10.08 -9.65 -29.90
CA LEU A 881 -11.10 -8.74 -30.47
C LEU A 881 -12.12 -9.46 -31.36
N GLU A 882 -11.74 -10.61 -31.91
CA GLU A 882 -12.66 -11.45 -32.67
C GLU A 882 -13.42 -12.32 -31.69
N GLY A 883 -12.67 -12.98 -30.79
CA GLY A 883 -13.26 -13.72 -29.68
C GLY A 883 -13.95 -15.02 -30.04
N LEU A 884 -14.92 -15.40 -29.20
CA LEU A 884 -15.60 -16.69 -29.26
C LEU A 884 -17.05 -16.50 -29.69
N SER A 885 -17.56 -17.44 -30.49
CA SER A 885 -18.94 -17.39 -30.97
C SER A 885 -19.87 -18.33 -30.20
N GLU A 886 -19.31 -19.08 -29.25
CA GLU A 886 -20.11 -19.82 -28.28
C GLU A 886 -19.41 -19.86 -26.92
N ALA A 887 -20.10 -20.38 -25.91
CA ALA A 887 -19.53 -20.49 -24.57
C ALA A 887 -18.25 -21.30 -24.61
N GLY A 888 -17.28 -20.88 -23.80
CA GLY A 888 -15.98 -21.53 -23.77
C GLY A 888 -14.89 -20.59 -23.32
N ILE A 889 -13.65 -21.03 -23.51
CA ILE A 889 -12.49 -20.32 -23.03
C ILE A 889 -11.41 -20.42 -24.10
N GLY A 890 -11.01 -19.27 -24.63
CA GLY A 890 -9.93 -19.17 -25.60
C GLY A 890 -8.67 -18.63 -24.96
N PHE A 891 -7.53 -19.00 -25.54
CA PHE A 891 -6.21 -18.55 -25.10
C PHE A 891 -5.54 -17.86 -26.27
N TYR A 892 -5.00 -16.66 -26.04
CA TYR A 892 -4.42 -15.82 -27.09
C TYR A 892 -2.99 -15.41 -26.76
N SER A 893 -2.08 -15.53 -27.74
CA SER A 893 -0.67 -15.15 -27.57
C SER A 893 -0.20 -14.18 -28.64
N ALA A 894 0.56 -13.17 -28.21
CA ALA A 894 1.27 -12.30 -29.13
C ALA A 894 2.47 -11.67 -28.43
N SER A 895 3.47 -11.30 -29.23
CA SER A 895 4.60 -10.53 -28.76
C SER A 895 4.57 -9.11 -29.32
N PHE A 896 5.25 -8.21 -28.62
CA PHE A 896 5.42 -6.84 -29.08
C PHE A 896 6.73 -6.28 -28.51
N ASP A 897 7.34 -5.38 -29.29
CA ASP A 897 8.59 -4.74 -28.88
C ASP A 897 8.32 -3.32 -28.37
N LEU A 898 9.08 -2.96 -27.34
CA LEU A 898 9.11 -1.61 -26.81
C LEU A 898 10.53 -1.12 -26.99
N ASP A 899 10.68 0.16 -27.34
CA ASP A 899 11.99 0.80 -27.42
C ASP A 899 11.88 2.22 -26.84
N LEU A 900 11.60 2.27 -25.55
CA LEU A 900 11.39 3.51 -24.83
C LEU A 900 12.73 4.08 -24.36
N PRO A 901 12.85 5.41 -24.31
CA PRO A 901 14.14 6.03 -24.06
C PRO A 901 14.62 5.89 -22.61
N LYS A 902 15.93 5.79 -22.45
CA LYS A 902 16.57 5.73 -21.14
C LYS A 902 16.47 7.08 -20.43
N GLY A 903 16.40 7.05 -19.11
CA GLY A 903 16.29 8.26 -18.29
C GLY A 903 14.88 8.79 -18.09
N TRP A 904 13.89 8.00 -18.52
CA TRP A 904 12.47 8.36 -18.39
C TRP A 904 11.72 7.26 -17.64
N ASP A 905 10.93 7.68 -16.67
CA ASP A 905 10.00 6.80 -15.96
C ASP A 905 8.64 7.01 -16.62
N VAL A 906 8.19 6.01 -17.40
CA VAL A 906 6.97 6.10 -18.20
C VAL A 906 5.97 5.06 -17.73
N PRO A 907 4.89 5.49 -17.05
CA PRO A 907 3.88 4.50 -16.62
C PRO A 907 3.06 3.96 -17.78
N LEU A 908 3.04 2.63 -17.93
CA LEU A 908 2.27 1.97 -18.98
C LEU A 908 1.07 1.23 -18.39
N PHE A 909 0.00 1.17 -19.17
CA PHE A 909 -1.27 0.58 -18.77
C PHE A 909 -1.83 -0.31 -19.88
N LEU A 910 -2.36 -1.47 -19.51
CA LEU A 910 -3.24 -2.27 -20.37
C LEU A 910 -4.66 -1.78 -20.15
N ASN A 911 -5.38 -1.54 -21.25
CA ASN A 911 -6.76 -1.08 -21.21
C ASN A 911 -7.70 -2.07 -21.88
N ILE A 912 -8.79 -2.41 -21.19
CA ILE A 912 -9.84 -3.24 -21.76
C ILE A 912 -11.11 -2.40 -21.82
N GLY A 913 -11.72 -2.32 -22.99
CA GLY A 913 -12.83 -1.43 -23.24
C GLY A 913 -14.15 -1.89 -22.65
N ASN A 914 -14.94 -0.93 -22.20
CA ASN A 914 -16.25 -1.17 -21.65
C ASN A 914 -17.17 0.04 -21.85
N SER A 915 -17.15 0.60 -23.06
CA SER A 915 -17.91 1.81 -23.37
C SER A 915 -19.40 1.55 -23.50
N THR A 916 -19.77 0.34 -23.89
CA THR A 916 -21.17 -0.10 -23.85
C THR A 916 -21.34 -1.36 -22.99
N THR A 917 -22.59 -1.61 -22.57
CA THR A 917 -22.94 -2.74 -21.69
C THR A 917 -22.55 -4.09 -22.33
N PRO A 918 -21.63 -4.83 -21.68
CA PRO A 918 -21.09 -6.02 -22.31
C PRO A 918 -21.85 -7.28 -21.98
N SER A 919 -21.65 -8.32 -22.78
CA SER A 919 -22.00 -9.67 -22.40
C SER A 919 -21.03 -10.13 -21.27
N PRO A 920 -21.43 -11.11 -20.44
CA PRO A 920 -20.58 -11.52 -19.33
C PRO A 920 -19.39 -12.35 -19.78
N TYR A 921 -18.18 -11.82 -19.59
CA TYR A 921 -16.94 -12.56 -19.85
C TYR A 921 -15.86 -12.22 -18.84
N ARG A 922 -14.87 -13.11 -18.74
CA ARG A 922 -13.78 -12.98 -17.78
C ARG A 922 -12.45 -13.13 -18.48
N VAL A 923 -11.48 -12.29 -18.09
CA VAL A 923 -10.20 -12.22 -18.74
C VAL A 923 -9.06 -12.23 -17.71
N GLN A 924 -8.01 -12.98 -18.01
CA GLN A 924 -6.73 -12.82 -17.34
C GLN A 924 -5.71 -12.42 -18.39
N VAL A 925 -4.79 -11.53 -18.05
CA VAL A 925 -3.66 -11.19 -18.93
C VAL A 925 -2.36 -11.48 -18.18
N TYR A 926 -1.51 -12.29 -18.81
CA TYR A 926 -0.16 -12.55 -18.30
C TYR A 926 0.81 -11.71 -19.13
N VAL A 927 1.68 -10.97 -18.45
CA VAL A 927 2.71 -10.17 -19.09
C VAL A 927 4.06 -10.81 -18.78
N ASN A 928 4.72 -11.34 -19.82
CA ASN A 928 5.93 -12.15 -19.67
C ASN A 928 5.79 -13.19 -18.57
N GLY A 929 4.63 -13.86 -18.59
CA GLY A 929 4.33 -14.92 -17.64
C GLY A 929 3.66 -14.49 -16.34
N TYR A 930 3.72 -13.20 -16.01
CA TYR A 930 3.14 -12.69 -14.76
C TYR A 930 1.71 -12.18 -14.96
N GLN A 931 0.76 -12.74 -14.20
CA GLN A 931 -0.62 -12.29 -14.30
C GLN A 931 -0.76 -10.92 -13.65
N TYR A 932 -1.11 -9.93 -14.46
CA TYR A 932 -1.21 -8.54 -14.02
C TYR A 932 -2.56 -7.90 -14.37
N ALA A 933 -3.54 -8.72 -14.73
CA ALA A 933 -4.93 -8.26 -14.85
C ALA A 933 -5.90 -9.43 -14.71
N LYS A 934 -6.92 -9.23 -13.88
CA LYS A 934 -8.07 -10.11 -13.78
C LYS A 934 -9.31 -9.24 -13.98
N TYR A 935 -10.14 -9.60 -14.97
CA TYR A 935 -11.19 -8.71 -15.48
C TYR A 935 -12.52 -9.44 -15.53
N ILE A 936 -13.58 -8.77 -15.06
CA ILE A 936 -14.94 -9.33 -15.10
C ILE A 936 -15.82 -8.28 -15.76
N SER A 937 -16.23 -8.54 -17.00
CA SER A 937 -16.91 -7.54 -17.82
C SER A 937 -18.15 -6.99 -17.15
N ASN A 938 -18.95 -7.89 -16.57
CA ASN A 938 -20.26 -7.54 -15.98
C ASN A 938 -20.22 -7.02 -14.53
N ILE A 939 -19.03 -6.93 -13.91
CA ILE A 939 -18.91 -6.52 -12.50
C ILE A 939 -17.96 -5.35 -12.29
N GLY A 940 -16.75 -5.44 -12.82
CA GLY A 940 -15.79 -4.34 -12.79
C GLY A 940 -15.22 -4.03 -11.41
N PRO A 941 -14.71 -2.81 -11.19
CA PRO A 941 -14.76 -1.67 -12.13
C PRO A 941 -13.48 -1.43 -12.94
N GLN A 942 -12.44 -2.24 -12.76
CA GLN A 942 -11.15 -1.92 -13.36
C GLN A 942 -11.12 -2.22 -14.84
N THR A 943 -10.88 -1.18 -15.64
CA THR A 943 -10.56 -1.31 -17.07
C THR A 943 -9.12 -0.94 -17.41
N SER A 944 -8.42 -0.27 -16.49
CA SER A 944 -7.07 0.22 -16.72
C SER A 944 -6.10 -0.45 -15.75
N PHE A 945 -5.11 -1.17 -16.30
CA PHE A 945 -4.21 -2.05 -15.53
C PHE A 945 -2.74 -1.64 -15.64
N PRO A 946 -2.19 -0.98 -14.61
CA PRO A 946 -0.76 -0.63 -14.67
C PRO A 946 0.13 -1.85 -14.57
N VAL A 947 1.18 -1.86 -15.36
CA VAL A 947 2.16 -2.93 -15.36
C VAL A 947 3.53 -2.26 -15.28
N PRO A 948 4.32 -2.53 -14.24
CA PRO A 948 5.58 -1.83 -14.07
C PRO A 948 6.72 -2.29 -14.99
N GLU A 949 7.62 -1.36 -15.27
CA GLU A 949 8.93 -1.65 -15.87
C GLU A 949 9.64 -2.70 -14.98
N GLY A 950 10.25 -3.69 -15.62
CA GLY A 950 10.80 -4.84 -14.92
C GLY A 950 9.98 -6.07 -15.23
N ILE A 951 8.65 -5.93 -15.15
CA ILE A 951 7.73 -6.94 -15.68
C ILE A 951 7.72 -6.74 -17.19
N LEU A 952 7.48 -5.50 -17.59
CA LEU A 952 7.67 -5.11 -18.99
C LEU A 952 9.14 -4.81 -19.26
N ASN A 953 9.57 -5.13 -20.48
CA ASN A 953 10.92 -4.87 -20.97
C ASN A 953 10.84 -3.68 -21.90
N TYR A 954 11.31 -2.52 -21.42
CA TYR A 954 11.12 -1.27 -22.15
C TYR A 954 12.00 -1.12 -23.41
N ARG A 955 13.05 -1.96 -23.53
CA ARG A 955 13.93 -1.96 -24.71
C ARG A 955 14.16 -3.40 -25.19
N GLY A 956 13.05 -4.11 -25.40
CA GLY A 956 13.08 -5.49 -25.83
C GLY A 956 11.71 -6.05 -26.15
N THR A 957 11.64 -7.38 -26.19
CA THR A 957 10.44 -8.08 -26.57
C THR A 957 9.59 -8.39 -25.34
N ASN A 958 8.27 -8.34 -25.51
CA ASN A 958 7.31 -8.59 -24.44
C ASN A 958 6.24 -9.55 -24.93
N TRP A 959 5.70 -10.35 -24.02
CA TRP A 959 4.71 -11.37 -24.36
C TRP A 959 3.43 -11.16 -23.57
N LEU A 960 2.31 -11.08 -24.28
CA LEU A 960 0.99 -11.06 -23.68
C LEU A 960 0.35 -12.41 -23.90
N ALA A 961 -0.19 -12.99 -22.84
CA ALA A 961 -1.07 -14.14 -22.96
C ALA A 961 -2.39 -13.75 -22.34
N VAL A 962 -3.47 -13.87 -23.12
CA VAL A 962 -4.81 -13.46 -22.71
C VAL A 962 -5.74 -14.67 -22.72
N THR A 963 -6.43 -14.91 -21.59
CA THR A 963 -7.50 -15.90 -21.57
C THR A 963 -8.84 -15.17 -21.59
N LEU A 964 -9.73 -15.62 -22.46
CA LEU A 964 -11.08 -15.06 -22.59
C LEU A 964 -12.08 -16.18 -22.33
N TRP A 965 -12.85 -16.04 -21.24
CA TRP A 965 -13.88 -17.00 -20.87
C TRP A 965 -15.22 -16.32 -21.07
N ALA A 966 -16.01 -16.85 -22.01
CA ALA A 966 -17.35 -16.34 -22.28
C ALA A 966 -18.36 -17.18 -21.51
N LEU A 967 -19.07 -16.52 -20.59
CA LEU A 967 -20.09 -17.17 -19.77
C LEU A 967 -21.46 -16.93 -20.42
N ASP A 968 -21.56 -17.29 -21.70
CA ASP A 968 -22.68 -16.92 -22.54
C ASP A 968 -22.70 -17.84 -23.75
N SER A 969 -23.89 -18.34 -24.10
CA SER A 969 -24.06 -19.27 -25.23
C SER A 969 -23.72 -18.66 -26.59
N ALA A 970 -23.87 -17.34 -26.72
CA ALA A 970 -23.48 -16.60 -27.94
C ALA A 970 -21.98 -16.26 -28.00
N GLY A 971 -21.26 -16.53 -26.91
CA GLY A 971 -19.82 -16.31 -26.85
C GLY A 971 -19.50 -14.92 -26.35
N GLY A 972 -18.38 -14.39 -26.79
CA GLY A 972 -17.95 -13.07 -26.34
C GLY A 972 -16.61 -12.69 -26.90
N LYS A 973 -16.31 -11.40 -26.82
CA LYS A 973 -15.06 -10.85 -27.31
C LYS A 973 -14.73 -9.55 -26.59
N LEU A 974 -13.47 -9.14 -26.66
CA LEU A 974 -13.06 -7.82 -26.19
C LEU A 974 -13.53 -6.71 -27.15
N GLU A 975 -14.07 -5.65 -26.57
CA GLU A 975 -14.43 -4.44 -27.31
C GLU A 975 -13.18 -3.73 -27.84
N SER A 976 -12.16 -3.63 -26.99
CA SER A 976 -10.87 -3.06 -27.35
C SER A 976 -9.79 -3.52 -26.37
N LEU A 977 -8.56 -3.61 -26.85
CA LEU A 977 -7.41 -3.94 -26.05
C LEU A 977 -6.30 -2.99 -26.45
N GLU A 978 -5.84 -2.16 -25.52
CA GLU A 978 -4.94 -1.04 -25.81
C GLU A 978 -3.86 -0.82 -24.75
N LEU A 979 -2.68 -0.46 -25.23
CA LEU A 979 -1.56 -0.07 -24.39
C LEU A 979 -1.54 1.47 -24.36
N SER A 980 -1.49 2.06 -23.17
CA SER A 980 -1.45 3.52 -23.03
C SER A 980 -0.36 3.95 -22.07
N TYR A 981 -0.12 5.25 -22.02
CA TYR A 981 0.84 5.81 -21.07
C TYR A 981 0.33 7.12 -20.50
N THR A 982 0.84 7.50 -19.33
CA THR A 982 0.59 8.80 -18.72
C THR A 982 1.90 9.59 -18.66
N THR A 983 1.84 10.83 -18.17
CA THR A 983 2.98 11.76 -18.19
C THR A 983 4.36 11.13 -17.98
N PRO A 984 5.23 11.17 -19.01
CA PRO A 984 6.61 10.74 -18.82
C PRO A 984 7.35 11.65 -17.85
N VAL A 985 8.18 11.06 -16.99
CA VAL A 985 8.88 11.77 -15.95
C VAL A 985 10.37 11.67 -16.23
N LEU A 986 11.03 12.81 -16.36
CA LEU A 986 12.47 12.87 -16.50
C LEU A 986 13.06 12.45 -15.17
N THR A 987 13.66 11.26 -15.11
CA THR A 987 13.92 10.60 -13.82
C THR A 987 15.38 10.40 -13.49
N ALA A 988 15.67 10.38 -12.19
CA ALA A 988 17.00 10.07 -11.66
C ALA A 988 17.22 8.57 -11.40
N LEU A 989 16.14 7.79 -11.47
CA LEU A 989 16.24 6.32 -11.29
C LEU A 989 17.23 5.68 -12.25
N GLY A 990 18.07 4.79 -11.71
CA GLY A 990 18.96 3.97 -12.52
C GLY A 990 18.19 2.97 -13.37
N GLU A 991 18.91 2.23 -14.19
CA GLU A 991 18.30 1.23 -15.06
C GLU A 991 17.48 0.22 -14.26
N VAL A 992 16.26 -0.05 -14.72
CA VAL A 992 15.42 -1.08 -14.13
C VAL A 992 15.69 -2.39 -14.87
N GLU A 993 16.39 -3.30 -14.18
CA GLU A 993 16.66 -4.63 -14.69
C GLU A 993 15.35 -5.42 -14.77
N SER A 994 15.14 -6.11 -15.88
CA SER A 994 14.00 -7.02 -16.02
C SER A 994 14.10 -8.14 -15.00
N VAL A 995 12.99 -8.44 -14.32
CA VAL A 995 12.93 -9.62 -13.45
C VAL A 995 13.04 -10.89 -14.27
N ASP A 996 13.36 -12.01 -13.63
CA ASP A 996 13.46 -13.30 -14.31
C ASP A 996 12.12 -13.63 -14.98
N GLN A 997 12.18 -14.05 -16.23
CA GLN A 997 10.98 -14.31 -17.04
C GLN A 997 11.12 -15.65 -17.77
N PRO A 998 11.07 -16.77 -17.02
CA PRO A 998 11.30 -18.08 -17.65
C PRO A 998 10.39 -18.31 -18.84
N LYS A 999 10.97 -18.77 -19.96
CA LYS A 999 10.22 -19.00 -21.18
C LYS A 999 9.46 -20.33 -21.08
N TYR A 1000 8.46 -20.49 -21.94
CA TYR A 1000 7.75 -21.77 -22.05
C TYR A 1000 8.74 -22.92 -22.24
N LYS A 1001 8.56 -23.97 -21.46
CA LYS A 1001 9.26 -25.23 -21.64
C LYS A 1001 8.27 -26.37 -21.39
N LYS A 1002 8.33 -27.42 -22.19
CA LYS A 1002 7.41 -28.54 -22.06
C LYS A 1002 7.45 -29.10 -20.64
N ARG A 1003 6.26 -29.34 -20.07
CA ARG A 1003 6.13 -29.89 -18.72
C ARG A 1003 5.74 -31.36 -18.77
N LYS A 1004 6.58 -32.22 -18.19
CA LYS A 1004 6.33 -33.66 -18.12
C LYS A 1004 5.12 -34.05 -17.25
N GLY A 1005 4.86 -33.29 -16.18
CA GLY A 1005 3.74 -33.55 -15.28
C GLY A 1005 2.35 -33.19 -15.82
N ALA A 1006 2.27 -32.56 -16.99
CA ALA A 1006 0.98 -32.23 -17.61
C ALA A 1006 0.19 -33.48 -18.00
N TYR A 1007 -1.09 -33.32 -18.28
CA TYR A 1007 -2.02 -34.44 -18.41
C TYR A 1007 -2.16 -35.04 -19.81
N HIS A 1008 -1.67 -34.36 -20.85
CA HIS A 1008 -1.69 -34.87 -22.23
C HIS A 1008 -1.04 -36.28 -22.42
#